data_7BZ2
#
_entry.id   7BZ2
#
_cell.length_a   1.00
_cell.length_b   1.00
_cell.length_c   1.00
_cell.angle_alpha   90.00
_cell.angle_beta   90.00
_cell.angle_gamma   90.00
#
_symmetry.space_group_name_H-M   'P 1'
#
loop_
_entity.id
_entity.type
_entity.pdbx_description
1 polymer 'Guanine nucleotide-binding protein G(s) subunit alpha isoforms short'
2 polymer 'Guanine nucleotide-binding protein G(I)/G(S)/G(T) subunit beta-1'
3 polymer 'Guanine nucleotide-binding protein G(I)/G(S)/G(O) subunit gamma-2'
4 polymer 'Nb35 nanobody'
5 polymer 'Beta2 adrenergic receptor'
6 non-polymer ~{N}-[5-[(1~{R})-2-[[(2~{R})-1-(4-methoxyphenyl)propan-2-yl]amino]-1-oxidanyl-ethyl]-2-oxidanyl-phenyl]methanamide
#
loop_
_entity_poly.entity_id
_entity_poly.type
_entity_poly.pdbx_seq_one_letter_code
_entity_poly.pdbx_strand_id
1 'polypeptide(L)'
;SMGCLGNSKTEDQRNEEKAQREANKKIEKQLQKDKQVYRATHRLLLLGAGESGKSTIVKQMRILHVNGFNGEGGEEDPQA
ARSNSDGEKATKVQDIKNNLKEAIETIVAAMSNLVPPVELANPENQFRVDYILSVMNVPDFDFPPEFYEHAKALWEDEGV
RACYERSNEYQLIDCAQYFLDKIDVIKQADYVPSDQDLLRCRVLTSGIFETKFQVDKVNFHMFDVGGQRDERRKWIQCFN
DVTAIIFVVASSSYNMVIREDNQTNRLQEALNLFKSIWNNRWLRTISVILFLNKQDLLAEKVLAGKSKIEDYFPEFARYT
TPEDATPEPGEDPRVTRAKYFIRDEFLRISTASGDGRHYCYPHFTCAVDTENIRRVFNDCRDIIQRMHLRQYELL
;
A
2 'polypeptide(L)'
;MSELDQLRQEAEQLKNQIRDARKACADATLSQITNNIDPVGRIQMRTRRTLRGHLAKIYAMHWGTDSRLLVSASQDGKLI
IWDSYTTNKVHAIPLRSSWVMTCAYAPSGNYVACGGLDNICSIYNLKTREGNVRVSRELAGHTGYLSCCRFLDDNQIVTS
SGDTTCALWDIETGQQTTTFTGHTGDVMSLSLAPDTRLFVSGACDASAKLWDVREGMCRQTFTGHESDINAICFFPNGNA
FATGSDDATCRLFDLRADQELMTYSHDNIICGITSVSFSKSGRLLLAGYDDFNCNVWDALKADSAGVLAGHDNRVSCLGV
TDDGMAVATGSWDSFLKIWN
;
B
3 'polypeptide(L)' MHHHHHHMASNNTASIAQARKLVEQLKMEANIDRIKVSKAAADLMAYCEAHAKEDPLLTPVPASENPFREKKFFSAIL G
4 'polypeptide(L)'
;MKYLLPTAAAGLLLLAAQPAMAMQVQLQESGGGLVQPGGSLRLSCAASGFTFSNYKMNWVRQAPGKGLEWVSDISQSGAS
ISYTGSVKGRFTISRDNAKNTLYLQMNSLKPEDTAVYYCARCPAPFTRDCFDVTSTTYAYRGQGTQVTVSSHHHHHHEPE
A
;
N
5 'polypeptide(L)'
;MKTIIALSYIFSLVFADYKDDDDAMGQPGNGSAFLLAPNRSHAPDHDVTQQRDEVWVVGMGIVMSLIVLAIVFGNVLVIT
AIAKFERLQTVTNYFITSLAVADLVMGLAVVPFGAAHILTKTWTFGNFWCEFWTSIDVLCVTASIWTLVVIAVDRYFAIT
SPFKYQSLLTKNKARVIILMVWIVSGLTSFLPIQMHWYRATHQEAINCYAEETCCDFFTNQAYAIASSIVSFYVPLVIMV
FVYSRVFQEAKRQLQKIDKSEGRFHVQNRSSKFALKEHKALKTLGIIMGTFTLAWLPFFIVNIVHVIQDNLIRKEVYILL
NWIGYVNSGFNPLIYSRSPDFRIAFQELLALRRSSLKHHHHHHHHHH
;
R
#
# COMPACT_ATOMS: atom_id res chain seq x y z
N GLU A 11 13.30 -23.68 -38.63
CA GLU A 11 11.88 -23.95 -38.45
C GLU A 11 11.64 -24.74 -37.16
N ASP A 12 12.62 -25.58 -36.81
CA ASP A 12 12.50 -26.38 -35.59
C ASP A 12 12.36 -25.52 -34.34
N GLN A 13 12.59 -24.22 -34.45
CA GLN A 13 12.36 -23.27 -33.36
C GLN A 13 10.91 -22.78 -33.32
N ARG A 14 9.98 -23.51 -33.92
CA ARG A 14 8.57 -23.15 -33.91
C ARG A 14 7.72 -24.17 -33.17
N ASN A 15 8.34 -25.04 -32.38
CA ASN A 15 7.63 -25.97 -31.50
C ASN A 15 7.67 -25.55 -30.04
N GLU A 16 8.81 -25.02 -29.57
CA GLU A 16 8.88 -24.50 -28.22
C GLU A 16 7.96 -23.30 -28.02
N GLU A 17 7.63 -22.57 -29.09
CA GLU A 17 6.66 -21.49 -28.98
C GLU A 17 5.33 -22.01 -28.48
N LYS A 18 4.79 -23.04 -29.13
CA LYS A 18 3.55 -23.64 -28.67
C LYS A 18 3.72 -24.34 -27.34
N ALA A 19 4.88 -24.96 -27.11
CA ALA A 19 5.13 -25.60 -25.82
C ALA A 19 5.05 -24.60 -24.67
N GLN A 20 5.50 -23.37 -24.90
CA GLN A 20 5.46 -22.33 -23.87
C GLN A 20 4.08 -21.69 -23.77
N ARG A 21 3.42 -21.48 -24.91
CA ARG A 21 2.09 -20.89 -24.90
C ARG A 21 1.04 -21.82 -24.31
N GLU A 22 1.24 -23.14 -24.35
CA GLU A 22 0.31 -24.01 -23.66
C GLU A 22 0.43 -23.88 -22.14
N ALA A 23 1.65 -23.75 -21.62
CA ALA A 23 1.83 -23.49 -20.21
C ALA A 23 1.22 -22.14 -19.83
N ASN A 24 1.44 -21.12 -20.67
CA ASN A 24 0.81 -19.83 -20.45
C ASN A 24 -0.70 -19.97 -20.35
N LYS A 25 -1.32 -20.67 -21.30
CA LYS A 25 -2.77 -20.77 -21.37
C LYS A 25 -3.36 -21.76 -20.38
N LYS A 26 -2.53 -22.57 -19.73
CA LYS A 26 -3.01 -23.36 -18.60
C LYS A 26 -2.88 -22.61 -17.28
N ILE A 27 -1.85 -21.79 -17.13
CA ILE A 27 -1.72 -21.03 -15.89
C ILE A 27 -2.69 -19.85 -15.89
N GLU A 28 -3.00 -19.27 -17.04
CA GLU A 28 -4.07 -18.28 -17.11
C GLU A 28 -5.44 -18.91 -17.15
N LYS A 29 -5.54 -20.21 -16.86
CA LYS A 29 -6.81 -20.85 -16.56
C LYS A 29 -6.87 -21.37 -15.14
N GLN A 30 -5.71 -21.58 -14.50
CA GLN A 30 -5.69 -21.90 -13.09
C GLN A 30 -5.72 -20.66 -12.19
N LEU A 31 -5.10 -19.56 -12.62
CA LEU A 31 -5.11 -18.36 -11.79
C LEU A 31 -6.49 -17.72 -11.75
N GLN A 32 -7.21 -17.73 -12.87
CA GLN A 32 -8.56 -17.18 -12.89
C GLN A 32 -9.56 -18.06 -12.18
N LYS A 33 -9.12 -19.21 -11.65
CA LYS A 33 -9.95 -20.05 -10.80
C LYS A 33 -9.46 -20.09 -9.37
N ASP A 34 -8.23 -19.66 -9.11
CA ASP A 34 -7.75 -19.46 -7.74
C ASP A 34 -8.08 -18.07 -7.21
N LYS A 35 -8.12 -17.05 -8.08
CA LYS A 35 -8.49 -15.71 -7.63
C LYS A 35 -9.92 -15.68 -7.10
N GLN A 36 -10.80 -16.54 -7.62
CA GLN A 36 -12.18 -16.57 -7.17
C GLN A 36 -12.35 -17.22 -5.81
N VAL A 37 -11.29 -17.80 -5.25
CA VAL A 37 -11.29 -18.21 -3.85
C VAL A 37 -10.33 -17.36 -3.03
N TYR A 38 -9.46 -16.60 -3.67
CA TYR A 38 -8.66 -15.63 -2.93
C TYR A 38 -9.45 -14.38 -2.56
N ARG A 39 -10.37 -13.95 -3.43
CA ARG A 39 -11.18 -12.77 -3.17
C ARG A 39 -12.51 -13.11 -2.52
N ALA A 40 -12.66 -14.31 -1.97
CA ALA A 40 -13.86 -14.67 -1.23
C ALA A 40 -13.54 -15.06 0.21
N THR A 41 -12.30 -14.90 0.63
CA THR A 41 -11.89 -15.11 2.02
C THR A 41 -11.20 -13.85 2.49
N HIS A 42 -11.66 -13.30 3.61
CA HIS A 42 -11.05 -12.14 4.20
C HIS A 42 -10.11 -12.56 5.32
N ARG A 43 -8.95 -11.94 5.39
CA ARG A 43 -7.96 -12.27 6.38
C ARG A 43 -8.24 -11.51 7.69
N LEU A 44 -7.40 -11.75 8.69
CA LEU A 44 -7.55 -11.13 10.01
C LEU A 44 -6.17 -10.99 10.61
N LEU A 45 -6.12 -10.75 11.92
CA LEU A 45 -4.88 -10.68 12.68
C LEU A 45 -5.29 -10.74 14.15
N LEU A 46 -4.43 -11.27 15.00
CA LEU A 46 -4.79 -11.45 16.40
C LEU A 46 -3.64 -11.02 17.30
N LEU A 47 -3.10 -9.83 17.05
CA LEU A 47 -1.97 -9.35 17.83
C LEU A 47 -2.44 -8.85 19.19
N GLY A 48 -1.56 -8.15 19.89
CA GLY A 48 -1.89 -7.59 21.21
C GLY A 48 -1.77 -8.58 22.32
N ALA A 49 -2.25 -9.80 22.10
CA ALA A 49 -2.09 -10.93 23.01
C ALA A 49 -2.65 -12.15 22.32
N GLY A 50 -2.07 -13.32 22.63
CA GLY A 50 -2.71 -14.56 22.23
C GLY A 50 -4.08 -14.67 22.87
N GLU A 51 -5.04 -15.20 22.11
CA GLU A 51 -6.41 -15.18 22.61
C GLU A 51 -6.65 -16.28 23.64
N SER A 52 -6.58 -17.54 23.18
CA SER A 52 -6.76 -18.72 24.03
C SER A 52 -8.17 -18.74 24.66
N GLY A 53 -8.96 -17.72 24.39
CA GLY A 53 -10.33 -17.65 24.86
C GLY A 53 -11.25 -17.15 23.77
N LYS A 54 -10.66 -16.67 22.67
CA LYS A 54 -11.41 -16.12 21.56
C LYS A 54 -11.00 -16.69 20.21
N SER A 55 -9.92 -17.47 20.14
CA SER A 55 -9.46 -18.07 18.88
C SER A 55 -9.23 -19.56 18.95
N THR A 56 -9.11 -20.15 20.13
CA THR A 56 -8.90 -21.58 20.28
C THR A 56 -10.13 -22.31 20.82
N ILE A 57 -10.85 -21.72 21.77
CA ILE A 57 -11.99 -22.37 22.37
C ILE A 57 -13.32 -21.93 21.75
N VAL A 58 -13.35 -20.78 21.08
CA VAL A 58 -14.59 -20.26 20.50
C VAL A 58 -14.59 -20.38 18.98
N LYS A 59 -13.45 -20.15 18.34
CA LYS A 59 -13.36 -20.25 16.89
C LYS A 59 -13.41 -21.69 16.44
N PHE A 209 0.41 -19.58 10.82
CA PHE A 209 -0.33 -20.07 11.97
C PHE A 209 -1.82 -19.86 11.76
N GLU A 210 -2.27 -20.05 10.52
CA GLU A 210 -3.65 -19.79 10.16
C GLU A 210 -4.61 -20.62 11.00
N THR A 211 -5.82 -20.10 11.16
CA THR A 211 -6.89 -20.82 11.86
C THR A 211 -8.20 -20.40 11.21
N LYS A 212 -8.65 -21.20 10.25
CA LYS A 212 -9.81 -20.82 9.46
C LYS A 212 -11.11 -21.14 10.19
N PHE A 213 -12.20 -20.56 9.68
CA PHE A 213 -13.55 -20.87 10.12
C PHE A 213 -14.50 -20.31 9.06
N GLN A 214 -15.81 -20.37 9.35
CA GLN A 214 -16.79 -20.00 8.34
C GLN A 214 -18.09 -19.58 9.00
N VAL A 215 -18.68 -18.50 8.51
CA VAL A 215 -19.99 -18.04 8.94
C VAL A 215 -20.74 -17.55 7.72
N ASP A 216 -21.91 -18.13 7.46
CA ASP A 216 -22.76 -17.79 6.32
C ASP A 216 -21.98 -17.88 5.01
N LYS A 217 -21.38 -19.04 4.77
CA LYS A 217 -20.75 -19.39 3.49
C LYS A 217 -19.60 -18.45 3.13
N VAL A 218 -18.96 -17.86 4.13
CA VAL A 218 -17.76 -17.05 3.92
C VAL A 218 -16.70 -17.50 4.92
N ASN A 219 -15.45 -17.57 4.46
CA ASN A 219 -14.35 -18.09 5.25
C ASN A 219 -13.39 -16.97 5.64
N PHE A 220 -12.70 -17.16 6.77
CA PHE A 220 -11.83 -16.14 7.34
C PHE A 220 -10.49 -16.75 7.72
N HIS A 221 -9.40 -16.18 7.20
CA HIS A 221 -8.05 -16.61 7.52
C HIS A 221 -7.58 -15.91 8.79
N MET A 222 -8.12 -16.32 9.93
CA MET A 222 -7.74 -15.66 11.17
C MET A 222 -6.32 -16.03 11.55
N PHE A 223 -5.37 -15.19 11.15
CA PHE A 223 -3.96 -15.44 11.39
C PHE A 223 -3.66 -15.36 12.89
N ASP A 224 -2.39 -15.58 13.23
CA ASP A 224 -1.97 -15.51 14.62
C ASP A 224 -0.47 -15.30 14.65
N VAL A 225 -0.02 -14.40 15.51
CA VAL A 225 1.40 -14.11 15.64
C VAL A 225 1.92 -14.51 17.03
N GLY A 226 1.29 -15.48 17.68
CA GLY A 226 1.68 -15.84 19.03
C GLY A 226 3.11 -16.36 19.12
N GLY A 227 3.53 -17.16 18.15
CA GLY A 227 4.87 -17.70 18.18
C GLY A 227 5.96 -16.74 17.76
N GLN A 228 5.62 -15.50 17.44
CA GLN A 228 6.57 -14.55 16.91
C GLN A 228 7.23 -13.74 18.04
N ARG A 229 8.24 -12.96 17.68
CA ARG A 229 9.09 -12.28 18.64
C ARG A 229 8.39 -11.04 19.19
N ASP A 230 9.16 -10.20 19.89
CA ASP A 230 8.63 -9.02 20.57
C ASP A 230 8.74 -7.75 19.73
N GLU A 231 9.91 -7.46 19.18
CA GLU A 231 10.06 -6.29 18.32
C GLU A 231 9.16 -6.42 17.10
N ARG A 232 8.20 -5.51 16.98
CA ARG A 232 7.11 -5.64 16.02
C ARG A 232 7.21 -4.71 14.83
N ARG A 233 8.33 -4.03 14.64
CA ARG A 233 8.38 -2.99 13.61
C ARG A 233 8.72 -3.54 12.23
N LYS A 234 8.81 -4.85 12.07
CA LYS A 234 9.22 -5.38 10.78
C LYS A 234 8.27 -6.41 10.20
N TRP A 235 7.66 -7.25 11.03
CA TRP A 235 6.68 -8.20 10.54
C TRP A 235 5.26 -7.71 10.71
N ILE A 236 5.07 -6.43 11.02
CA ILE A 236 3.74 -5.85 11.07
C ILE A 236 3.50 -4.89 9.91
N GLN A 237 4.55 -4.47 9.20
CA GLN A 237 4.37 -3.63 8.02
C GLN A 237 3.97 -4.45 6.79
N CYS A 238 3.93 -5.77 6.90
CA CYS A 238 3.50 -6.62 5.78
C CYS A 238 2.13 -7.25 6.06
N PHE A 239 1.31 -6.58 6.85
CA PHE A 239 -0.07 -6.98 7.07
C PHE A 239 -1.02 -5.86 6.68
N ASN A 240 -0.59 -4.99 5.77
CA ASN A 240 -1.33 -3.78 5.47
C ASN A 240 -2.50 -4.00 4.54
N ASP A 241 -2.75 -5.23 4.09
CA ASP A 241 -3.85 -5.53 3.19
C ASP A 241 -4.97 -6.31 3.86
N VAL A 242 -4.84 -6.58 5.16
CA VAL A 242 -5.87 -7.30 5.91
C VAL A 242 -7.05 -6.38 6.10
N THR A 243 -8.21 -6.91 6.49
CA THR A 243 -9.41 -6.09 6.64
C THR A 243 -9.65 -5.59 8.06
N ALA A 244 -9.28 -6.36 9.08
CA ALA A 244 -9.63 -5.98 10.45
C ALA A 244 -8.65 -6.63 11.42
N ILE A 245 -7.89 -5.80 12.13
CA ILE A 245 -6.86 -6.28 13.06
C ILE A 245 -7.53 -6.52 14.40
N ILE A 246 -8.06 -7.74 14.60
CA ILE A 246 -8.63 -8.07 15.90
C ILE A 246 -7.56 -7.85 16.96
N PHE A 247 -8.01 -7.50 18.17
CA PHE A 247 -7.11 -7.00 19.20
C PHE A 247 -7.67 -7.45 20.55
N VAL A 248 -7.20 -8.59 21.04
CA VAL A 248 -7.61 -9.08 22.33
C VAL A 248 -6.71 -8.45 23.39
N VAL A 249 -7.32 -7.81 24.38
CA VAL A 249 -6.57 -7.14 25.43
C VAL A 249 -7.30 -7.28 26.75
N ALA A 250 -6.53 -7.34 27.83
CA ALA A 250 -7.09 -7.47 29.17
C ALA A 250 -6.79 -6.24 30.01
N ASN A 265 3.12 -1.16 35.10
CA ASN A 265 1.78 -0.97 34.57
C ASN A 265 1.46 -2.02 33.51
N ARG A 266 0.18 -2.28 33.30
CA ARG A 266 -0.27 -3.24 32.30
C ARG A 266 -1.03 -2.59 31.15
N LEU A 267 -2.06 -1.80 31.46
CA LEU A 267 -2.90 -1.26 30.40
C LEU A 267 -2.19 -0.19 29.60
N GLN A 268 -1.26 0.54 30.22
CA GLN A 268 -0.55 1.58 29.48
C GLN A 268 0.28 1.01 28.35
N GLU A 269 0.81 -0.22 28.53
CA GLU A 269 1.53 -0.85 27.44
C GLU A 269 0.61 -1.14 26.26
N ALA A 270 -0.59 -1.65 26.55
CA ALA A 270 -1.57 -1.88 25.49
C ALA A 270 -1.94 -0.58 24.80
N LEU A 271 -2.14 0.50 25.56
CA LEU A 271 -2.49 1.79 24.97
C LEU A 271 -1.37 2.30 24.07
N ASN A 272 -0.12 2.13 24.49
CA ASN A 272 0.99 2.61 23.68
C ASN A 272 1.28 1.69 22.50
N LEU A 273 0.80 0.44 22.53
CA LEU A 273 0.83 -0.37 21.33
C LEU A 273 -0.26 0.05 20.37
N PHE A 274 -1.45 0.36 20.89
CA PHE A 274 -2.59 0.72 20.06
C PHE A 274 -2.37 2.06 19.38
N LYS A 275 -1.82 3.04 20.09
CA LYS A 275 -1.56 4.33 19.46
C LYS A 275 -0.58 4.18 18.32
N SER A 276 0.40 3.28 18.45
CA SER A 276 1.39 3.09 17.40
C SER A 276 0.79 2.36 16.20
N ILE A 277 0.00 1.31 16.44
CA ILE A 277 -0.71 0.65 15.36
C ILE A 277 -1.62 1.63 14.62
N TRP A 278 -2.22 2.57 15.35
CA TRP A 278 -3.07 3.56 14.70
C TRP A 278 -2.26 4.51 13.83
N ASN A 279 -1.36 5.26 14.45
CA ASN A 279 -0.61 6.28 13.73
C ASN A 279 0.45 5.72 12.80
N ASN A 280 0.57 4.40 12.69
CA ASN A 280 1.50 3.81 11.74
C ASN A 280 1.18 4.28 10.32
N ARG A 281 2.14 4.10 9.42
CA ARG A 281 1.97 4.64 8.07
C ARG A 281 1.41 3.62 7.08
N TRP A 282 1.73 2.34 7.26
CA TRP A 282 1.21 1.30 6.39
C TRP A 282 -0.02 0.61 6.94
N LEU A 283 -0.13 0.50 8.25
CA LEU A 283 -1.36 0.05 8.91
C LEU A 283 -2.35 1.19 9.09
N ARG A 284 -2.21 2.26 8.31
CA ARG A 284 -2.97 3.48 8.54
C ARG A 284 -4.47 3.26 8.35
N THR A 285 -4.86 2.56 7.28
CA THR A 285 -6.25 2.47 6.85
C THR A 285 -6.88 1.12 7.20
N ILE A 286 -6.56 0.56 8.37
CA ILE A 286 -7.12 -0.70 8.82
C ILE A 286 -8.03 -0.44 10.02
N SER A 287 -9.20 -1.07 10.02
CA SER A 287 -10.23 -0.79 11.01
C SER A 287 -10.06 -1.71 12.20
N VAL A 288 -9.41 -1.21 13.25
CA VAL A 288 -9.01 -2.04 14.38
C VAL A 288 -10.26 -2.44 15.16
N ILE A 289 -10.69 -3.69 15.02
CA ILE A 289 -11.62 -4.23 16.00
C ILE A 289 -10.90 -4.33 17.34
N LEU A 290 -11.66 -4.50 18.41
CA LEU A 290 -11.05 -4.54 19.73
C LEU A 290 -11.87 -5.44 20.63
N PHE A 291 -11.22 -5.95 21.67
CA PHE A 291 -11.82 -6.95 22.55
C PHE A 291 -11.32 -6.71 23.97
N LEU A 292 -12.17 -6.18 24.84
CA LEU A 292 -11.82 -6.09 26.26
C LEU A 292 -12.16 -7.43 26.90
N ASN A 293 -11.18 -8.32 26.95
CA ASN A 293 -11.41 -9.62 27.58
C ASN A 293 -11.54 -9.48 29.08
N LYS A 294 -10.92 -8.46 29.67
CA LYS A 294 -10.99 -8.22 31.11
C LYS A 294 -12.37 -7.64 31.43
N GLN A 295 -13.33 -8.52 31.61
CA GLN A 295 -14.68 -8.12 31.99
C GLN A 295 -15.24 -9.06 33.04
N ILE A 309 -6.11 0.35 40.41
CA ILE A 309 -6.63 1.00 39.22
C ILE A 309 -6.57 2.50 39.37
N GLU A 310 -7.22 3.02 40.41
CA GLU A 310 -7.19 4.46 40.67
C GLU A 310 -5.82 4.95 41.11
N ASP A 311 -4.95 4.04 41.57
CA ASP A 311 -3.60 4.44 41.92
C ASP A 311 -2.73 4.63 40.68
N TYR A 312 -3.03 3.90 39.60
CA TYR A 312 -2.33 4.08 38.34
C TYR A 312 -3.05 5.05 37.41
N PHE A 313 -4.28 5.42 37.72
CA PHE A 313 -5.05 6.39 36.93
C PHE A 313 -5.61 7.45 37.85
N PRO A 314 -5.08 8.68 37.83
CA PRO A 314 -5.64 9.74 38.68
C PRO A 314 -6.86 10.42 38.09
N GLU A 315 -7.08 10.35 36.78
CA GLU A 315 -8.26 10.93 36.16
C GLU A 315 -9.51 10.11 36.38
N PHE A 316 -9.42 9.03 37.16
CA PHE A 316 -10.57 8.16 37.40
C PHE A 316 -11.66 8.85 38.21
N ALA A 317 -11.32 9.88 38.99
CA ALA A 317 -12.29 10.56 39.83
C ALA A 317 -12.94 11.75 39.13
N ARG A 318 -12.25 12.37 38.18
CA ARG A 318 -12.77 13.51 37.44
C ARG A 318 -13.47 13.11 36.15
N TYR A 319 -13.99 11.89 36.08
CA TYR A 319 -14.67 11.42 34.88
C TYR A 319 -15.94 10.68 35.28
N THR A 320 -17.05 10.99 34.61
CA THR A 320 -18.31 10.31 34.82
C THR A 320 -19.01 10.15 33.48
N THR A 321 -19.54 8.95 33.23
CA THR A 321 -20.19 8.64 31.95
C THR A 321 -21.37 9.57 31.65
N ASP A 332 -24.41 -2.02 40.18
CA ASP A 332 -23.48 -1.12 40.87
C ASP A 332 -22.44 -0.59 39.91
N PRO A 333 -22.06 0.69 40.07
CA PRO A 333 -21.05 1.27 39.17
C PRO A 333 -19.64 0.78 39.42
N ARG A 334 -19.42 -0.03 40.47
CA ARG A 334 -18.08 -0.51 40.80
C ARG A 334 -17.40 -1.23 39.64
N VAL A 335 -18.18 -1.73 38.67
CA VAL A 335 -17.63 -2.29 37.46
C VAL A 335 -17.83 -1.40 36.24
N THR A 336 -18.95 -0.65 36.18
CA THR A 336 -19.23 0.16 35.02
C THR A 336 -18.24 1.30 34.89
N ARG A 337 -17.90 1.96 36.02
CA ARG A 337 -16.93 3.04 35.98
C ARG A 337 -15.62 2.56 35.35
N ALA A 338 -15.07 1.45 35.85
CA ALA A 338 -13.81 0.95 35.33
C ALA A 338 -13.94 0.56 33.86
N LYS A 339 -14.93 -0.26 33.53
CA LYS A 339 -15.08 -0.76 32.17
C LYS A 339 -15.19 0.40 31.19
N TYR A 340 -16.17 1.29 31.41
CA TYR A 340 -16.39 2.38 30.50
C TYR A 340 -15.26 3.41 30.52
N PHE A 341 -14.48 3.48 31.60
CA PHE A 341 -13.33 4.37 31.56
C PHE A 341 -12.23 3.82 30.68
N ILE A 342 -11.96 2.51 30.77
CA ILE A 342 -10.99 1.91 29.86
C ILE A 342 -11.43 2.08 28.41
N ARG A 343 -12.71 1.80 28.14
CA ARG A 343 -13.22 1.93 26.78
C ARG A 343 -13.18 3.38 26.32
N ASP A 344 -13.48 4.33 27.20
CA ASP A 344 -13.44 5.74 26.83
C ASP A 344 -12.03 6.19 26.54
N GLU A 345 -11.05 5.65 27.27
CA GLU A 345 -9.66 5.98 26.96
C GLU A 345 -9.26 5.44 25.60
N PHE A 346 -9.61 4.19 25.32
CA PHE A 346 -9.28 3.63 24.01
C PHE A 346 -9.94 4.42 22.89
N LEU A 347 -11.20 4.81 23.06
CA LEU A 347 -11.88 5.55 22.01
C LEU A 347 -11.36 6.98 21.91
N ARG A 348 -10.89 7.57 23.00
CA ARG A 348 -10.25 8.87 22.93
C ARG A 348 -8.90 8.79 22.24
N ILE A 349 -8.28 7.60 22.24
CA ILE A 349 -7.10 7.39 21.41
C ILE A 349 -7.50 7.19 19.95
N SER A 350 -8.64 6.55 19.71
CA SER A 350 -9.05 6.20 18.35
C SER A 350 -9.70 7.34 17.58
N THR A 351 -10.24 8.35 18.26
CA THR A 351 -11.00 9.41 17.59
C THR A 351 -10.19 10.70 17.51
N ALA A 352 -8.90 10.60 17.22
CA ALA A 352 -8.04 11.77 17.15
C ALA A 352 -7.12 11.77 15.93
N SER A 353 -7.30 10.84 15.01
CA SER A 353 -6.43 10.75 13.84
C SER A 353 -6.94 11.63 12.71
N ASP A 355 -9.49 12.42 8.31
CA ASP A 355 -9.45 11.00 8.58
C ASP A 355 -10.81 10.37 8.29
N GLY A 356 -11.27 9.54 9.22
CA GLY A 356 -12.54 8.85 9.02
C GLY A 356 -12.44 7.63 8.14
N ARG A 357 -11.26 7.05 8.00
CA ARG A 357 -11.05 5.88 7.16
C ARG A 357 -11.10 4.57 7.92
N HIS A 358 -11.17 4.61 9.24
CA HIS A 358 -11.11 3.40 10.06
C HIS A 358 -11.53 3.73 11.47
N TYR A 359 -12.40 2.91 12.04
CA TYR A 359 -12.96 3.17 13.37
C TYR A 359 -12.76 1.97 14.26
N CYS A 360 -12.48 2.23 15.54
CA CYS A 360 -12.39 1.18 16.54
C CYS A 360 -13.79 0.76 16.97
N TYR A 361 -14.01 -0.55 17.08
CA TYR A 361 -15.32 -1.13 17.42
C TYR A 361 -15.23 -1.87 18.74
N PRO A 362 -15.13 -1.17 19.86
CA PRO A 362 -14.91 -1.85 21.15
C PRO A 362 -16.09 -2.73 21.53
N HIS A 363 -15.81 -3.98 21.85
CA HIS A 363 -16.77 -4.91 22.39
C HIS A 363 -16.34 -5.35 23.78
N PHE A 364 -17.10 -6.26 24.39
CA PHE A 364 -16.80 -6.80 25.70
C PHE A 364 -17.18 -8.27 25.73
N THR A 365 -16.30 -9.10 26.28
CA THR A 365 -16.60 -10.53 26.38
C THR A 365 -15.75 -11.15 27.47
N CYS A 366 -16.39 -11.78 28.45
CA CYS A 366 -15.69 -12.55 29.47
C CYS A 366 -16.35 -13.88 29.77
N ALA A 367 -17.53 -14.16 29.24
CA ALA A 367 -18.25 -15.39 29.51
C ALA A 367 -17.68 -16.51 28.64
N VAL A 368 -18.41 -17.63 28.55
CA VAL A 368 -17.96 -18.79 27.79
C VAL A 368 -17.72 -18.46 26.31
N ASP A 369 -18.26 -17.34 25.84
CA ASP A 369 -18.01 -16.85 24.47
C ASP A 369 -18.52 -17.85 23.43
N THR A 370 -19.80 -18.19 23.54
CA THR A 370 -20.42 -19.06 22.55
C THR A 370 -20.61 -18.32 21.23
N GLU A 371 -21.31 -17.18 21.26
CA GLU A 371 -21.60 -16.40 20.07
C GLU A 371 -20.55 -15.33 19.81
N ASN A 372 -19.31 -15.56 20.24
CA ASN A 372 -18.23 -14.60 20.03
C ASN A 372 -17.67 -14.62 18.62
N ILE A 373 -18.33 -15.31 17.70
CA ILE A 373 -17.96 -15.30 16.29
C ILE A 373 -18.84 -14.36 15.48
N ARG A 374 -20.12 -14.30 15.82
CA ARG A 374 -21.01 -13.36 15.15
C ARG A 374 -20.62 -11.93 15.47
N ARG A 375 -20.08 -11.67 16.66
CA ARG A 375 -19.62 -10.33 16.98
C ARG A 375 -18.45 -9.90 16.11
N VAL A 376 -17.80 -10.84 15.43
CA VAL A 376 -16.77 -10.53 14.45
C VAL A 376 -17.32 -10.52 13.03
N PHE A 377 -18.24 -11.42 12.72
CA PHE A 377 -18.85 -11.46 11.39
C PHE A 377 -19.68 -10.20 11.13
N ASN A 378 -20.67 -9.95 11.98
CA ASN A 378 -21.51 -8.77 11.86
C ASN A 378 -20.69 -7.49 11.87
N ASP A 379 -19.58 -7.49 12.58
CA ASP A 379 -18.79 -6.27 12.74
C ASP A 379 -17.66 -6.18 11.73
N CYS A 380 -17.45 -7.22 10.92
CA CYS A 380 -16.60 -7.14 9.75
C CYS A 380 -17.39 -6.83 8.50
N ARG A 381 -18.70 -7.09 8.50
CA ARG A 381 -19.55 -6.60 7.42
C ARG A 381 -19.55 -5.08 7.37
N ASP A 382 -19.62 -4.44 8.54
CA ASP A 382 -19.66 -2.99 8.61
C ASP A 382 -18.42 -2.35 8.00
N ILE A 383 -17.27 -3.02 8.10
CA ILE A 383 -16.05 -2.41 7.59
C ILE A 383 -16.09 -2.34 6.07
N ILE A 384 -16.61 -3.37 5.41
CA ILE A 384 -16.76 -3.31 3.96
C ILE A 384 -17.82 -2.30 3.58
N GLN A 385 -18.93 -2.26 4.31
CA GLN A 385 -19.97 -1.28 4.00
C GLN A 385 -19.41 0.14 4.05
N ARG A 386 -18.71 0.48 5.13
CA ARG A 386 -18.18 1.84 5.26
C ARG A 386 -17.03 2.09 4.29
N MET A 387 -16.24 1.06 3.97
CA MET A 387 -15.17 1.22 3.00
C MET A 387 -15.71 1.51 1.62
N HIS A 388 -16.93 1.07 1.32
CA HIS A 388 -17.56 1.46 0.06
C HIS A 388 -18.23 2.82 0.16
N LEU A 389 -19.00 3.05 1.23
CA LEU A 389 -19.71 4.32 1.37
C LEU A 389 -18.74 5.51 1.32
N ARG A 390 -17.71 5.50 2.17
CA ARG A 390 -16.79 6.63 2.19
C ARG A 390 -16.10 6.83 0.84
N GLN A 391 -16.10 5.82 -0.02
CA GLN A 391 -15.50 5.95 -1.34
C GLN A 391 -16.47 6.48 -2.37
N TYR A 392 -17.76 6.17 -2.24
CA TYR A 392 -18.76 6.74 -3.13
C TYR A 392 -19.15 8.17 -2.74
N GLU A 393 -18.39 8.81 -1.85
CA GLU A 393 -18.67 10.16 -1.38
C GLU A 393 -20.09 10.28 -0.84
N LEU A 394 -20.59 9.19 -0.28
CA LEU A 394 -22.00 9.07 0.07
C LEU A 394 -22.23 8.98 1.57
N LEU A 395 -21.17 8.97 2.37
CA LEU A 395 -21.28 9.01 3.82
C LEU A 395 -20.49 10.19 4.38
N LEU B 7 34.58 -3.50 33.27
CA LEU B 7 34.65 -4.14 31.97
C LEU B 7 34.02 -3.26 30.89
N ARG B 8 32.95 -2.55 31.26
CA ARG B 8 32.32 -1.62 30.32
C ARG B 8 33.25 -0.45 30.02
N GLN B 9 33.98 0.04 31.02
CA GLN B 9 34.95 1.10 30.78
C GLN B 9 36.08 0.61 29.88
N GLU B 10 36.49 -0.66 30.04
CA GLU B 10 37.51 -1.21 29.16
C GLU B 10 36.98 -1.35 27.74
N ALA B 11 35.71 -1.73 27.60
CA ALA B 11 35.09 -1.76 26.27
C ALA B 11 35.07 -0.37 25.65
N GLU B 12 34.75 0.64 26.44
CA GLU B 12 34.75 2.02 25.94
C GLU B 12 36.16 2.43 25.50
N GLN B 13 37.17 2.05 26.27
CA GLN B 13 38.55 2.38 25.90
C GLN B 13 38.94 1.69 24.60
N LEU B 14 38.65 0.39 24.47
CA LEU B 14 38.95 -0.32 23.24
C LEU B 14 38.22 0.30 22.05
N LYS B 15 36.95 0.69 22.24
CA LYS B 15 36.18 1.30 21.16
C LYS B 15 36.76 2.66 20.78
N ASN B 16 37.23 3.43 21.77
CA ASN B 16 37.89 4.69 21.45
C ASN B 16 39.17 4.44 20.66
N GLN B 17 39.88 3.37 20.99
CA GLN B 17 41.07 3.02 20.21
C GLN B 17 40.70 2.68 18.76
N ILE B 18 39.65 1.88 18.57
CA ILE B 18 39.22 1.55 17.22
C ILE B 18 38.80 2.80 16.46
N ARG B 19 38.09 3.71 17.13
CA ARG B 19 37.66 4.95 16.48
C ARG B 19 38.86 5.81 16.10
N ASP B 20 39.85 5.91 16.98
CA ASP B 20 41.05 6.66 16.66
C ASP B 20 41.78 6.04 15.46
N ALA B 21 41.86 4.71 15.42
CA ALA B 21 42.54 4.06 14.30
C ALA B 21 41.79 4.30 12.99
N ARG B 22 40.46 4.16 13.02
CA ARG B 22 39.67 4.33 11.79
C ARG B 22 39.59 5.78 11.36
N LYS B 23 39.80 6.73 12.28
CA LYS B 23 39.87 8.13 11.88
C LYS B 23 41.27 8.52 11.41
N ALA B 24 42.29 7.82 11.89
CA ALA B 24 43.65 8.06 11.41
C ALA B 24 43.86 7.47 10.02
N CYS B 25 43.25 6.32 9.74
CA CYS B 25 43.33 5.71 8.43
C CYS B 25 42.45 6.40 7.39
N ALA B 26 41.87 7.55 7.74
CA ALA B 26 41.00 8.27 6.83
C ALA B 26 41.64 9.60 6.43
N THR B 29 36.56 10.80 1.99
CA THR B 29 35.47 10.88 1.02
C THR B 29 36.01 10.87 -0.40
N LEU B 30 35.47 9.98 -1.23
CA LEU B 30 35.95 9.81 -2.60
C LEU B 30 35.62 10.98 -3.51
N SER B 31 34.76 11.90 -3.07
CA SER B 31 34.40 13.04 -3.92
C SER B 31 35.58 13.96 -4.14
N GLN B 32 36.37 14.22 -3.10
CA GLN B 32 37.53 15.10 -3.24
C GLN B 32 38.56 14.51 -4.20
N ILE B 33 38.59 13.18 -4.34
CA ILE B 33 39.49 12.57 -5.30
C ILE B 33 38.90 12.61 -6.69
N THR B 34 37.67 12.14 -6.85
CA THR B 34 36.97 12.14 -8.14
C THR B 34 36.01 13.32 -8.15
N ASN B 35 36.56 14.50 -8.43
CA ASN B 35 35.77 15.72 -8.56
C ASN B 35 35.83 16.33 -9.95
N ASN B 36 36.80 15.96 -10.78
CA ASN B 36 36.92 16.45 -12.14
C ASN B 36 36.62 15.38 -13.18
N ILE B 37 36.35 14.15 -12.75
CA ILE B 37 36.08 13.08 -13.72
C ILE B 37 34.79 13.39 -14.48
N ASP B 38 34.71 12.87 -15.69
CA ASP B 38 33.58 13.17 -16.55
C ASP B 38 32.30 12.55 -15.99
N PRO B 39 31.20 13.31 -15.89
CA PRO B 39 29.95 12.73 -15.38
C PRO B 39 29.30 11.78 -16.38
N VAL B 40 28.12 11.28 -16.03
CA VAL B 40 27.39 10.36 -16.89
C VAL B 40 26.28 11.04 -17.68
N GLY B 41 25.77 12.17 -17.21
CA GLY B 41 24.68 12.84 -17.87
C GLY B 41 23.33 12.21 -17.59
N ARG B 42 22.29 12.89 -18.05
CA ARG B 42 20.93 12.44 -17.81
C ARG B 42 20.68 11.10 -18.50
N ILE B 43 19.82 10.29 -17.89
CA ILE B 43 19.48 8.97 -18.44
C ILE B 43 18.12 8.57 -17.88
N GLN B 44 17.28 8.05 -18.76
CA GLN B 44 15.97 7.53 -18.38
C GLN B 44 15.69 6.27 -19.17
N MET B 45 14.78 5.46 -18.64
CA MET B 45 14.45 4.17 -19.25
C MET B 45 12.98 3.87 -19.03
N ARG B 46 12.38 3.14 -19.97
CA ARG B 46 10.95 2.94 -20.00
C ARG B 46 10.62 1.46 -19.87
N THR B 47 9.43 1.18 -19.36
CA THR B 47 8.99 -0.18 -19.11
C THR B 47 8.85 -0.94 -20.43
N ARG B 48 9.78 -1.86 -20.67
CA ARG B 48 9.72 -2.63 -21.91
C ARG B 48 8.61 -3.68 -21.85
N ARG B 49 8.49 -4.37 -20.72
CA ARG B 49 7.42 -5.33 -20.52
C ARG B 49 6.85 -5.16 -19.12
N THR B 50 5.56 -5.43 -18.98
CA THR B 50 4.85 -5.25 -17.71
C THR B 50 4.32 -6.61 -17.28
N LEU B 51 5.04 -7.28 -16.38
CA LEU B 51 4.69 -8.65 -16.00
C LEU B 51 3.49 -8.66 -15.06
N ARG B 52 2.35 -8.25 -15.61
CA ARG B 52 1.11 -8.15 -14.83
C ARG B 52 0.50 -9.53 -14.69
N GLY B 53 0.87 -10.24 -13.63
CA GLY B 53 0.31 -11.55 -13.41
C GLY B 53 -0.16 -11.85 -12.00
N HIS B 54 0.22 -11.01 -11.04
CA HIS B 54 0.04 -11.34 -9.63
C HIS B 54 -1.30 -10.82 -9.11
N LEU B 55 -1.61 -11.22 -7.87
CA LEU B 55 -2.88 -10.85 -7.24
C LEU B 55 -2.71 -10.52 -5.76
N ALA B 56 -1.53 -10.05 -5.38
CA ALA B 56 -1.28 -9.49 -4.05
C ALA B 56 0.03 -8.73 -4.11
N LYS B 57 0.52 -8.24 -2.98
CA LYS B 57 1.73 -7.44 -3.00
C LYS B 57 2.94 -8.33 -3.27
N ILE B 58 3.77 -7.91 -4.20
CA ILE B 58 4.99 -8.63 -4.57
C ILE B 58 6.09 -8.21 -3.61
N TYR B 59 6.61 -9.16 -2.84
CA TYR B 59 7.56 -8.76 -1.82
C TYR B 59 9.01 -9.06 -2.17
N ALA B 60 9.27 -9.93 -3.16
CA ALA B 60 10.66 -10.18 -3.53
C ALA B 60 10.73 -10.81 -4.92
N MET B 61 11.90 -10.69 -5.54
CA MET B 61 12.15 -11.30 -6.83
C MET B 61 13.66 -11.47 -7.02
N HIS B 62 14.15 -12.71 -6.94
CA HIS B 62 15.57 -12.96 -7.22
C HIS B 62 15.73 -13.17 -8.71
N TRP B 63 16.19 -12.14 -9.41
CA TRP B 63 16.44 -12.23 -10.83
C TRP B 63 17.44 -13.33 -11.12
N GLY B 64 17.03 -14.31 -11.90
CA GLY B 64 17.81 -15.52 -12.08
C GLY B 64 19.17 -15.28 -12.70
N THR B 65 19.99 -16.32 -12.66
CA THR B 65 21.34 -16.26 -13.20
C THR B 65 21.35 -16.40 -14.72
N ASP B 66 20.32 -17.03 -15.29
CA ASP B 66 20.23 -17.17 -16.73
C ASP B 66 20.11 -15.84 -17.45
N SER B 67 19.94 -14.74 -16.71
CA SER B 67 19.65 -13.40 -17.24
C SER B 67 18.36 -13.37 -18.04
N ARG B 68 17.60 -14.46 -18.04
CA ARG B 68 16.33 -14.54 -18.74
C ARG B 68 15.18 -14.75 -17.78
N LEU B 69 15.21 -15.81 -16.97
CA LEU B 69 14.12 -16.09 -16.07
C LEU B 69 14.12 -15.12 -14.90
N LEU B 70 13.15 -15.29 -14.00
CA LEU B 70 13.10 -14.58 -12.72
C LEU B 70 12.00 -15.22 -11.89
N VAL B 71 12.21 -15.27 -10.59
CA VAL B 71 11.23 -15.83 -9.67
C VAL B 71 10.71 -14.71 -8.79
N SER B 72 9.42 -14.41 -8.90
CA SER B 72 8.79 -13.39 -8.08
C SER B 72 7.88 -14.06 -7.05
N ALA B 73 7.81 -13.46 -5.87
CA ALA B 73 7.13 -14.06 -4.73
C ALA B 73 6.20 -13.04 -4.09
N SER B 74 4.96 -13.45 -3.84
CA SER B 74 3.94 -12.53 -3.37
C SER B 74 3.14 -13.19 -2.26
N GLN B 75 2.53 -12.35 -1.41
CA GLN B 75 1.78 -12.84 -0.27
C GLN B 75 0.46 -13.52 -0.66
N ASP B 76 0.14 -13.61 -1.95
CA ASP B 76 -1.10 -14.24 -2.38
C ASP B 76 -1.12 -15.74 -2.18
N GLY B 77 0.02 -16.33 -1.84
CA GLY B 77 0.14 -17.78 -1.79
C GLY B 77 0.52 -18.33 -3.14
N LYS B 78 1.48 -17.69 -3.80
CA LYS B 78 1.91 -18.09 -5.14
C LYS B 78 3.39 -17.81 -5.29
N LEU B 79 4.00 -18.49 -6.26
CA LEU B 79 5.42 -18.32 -6.55
C LEU B 79 5.57 -18.64 -8.04
N ILE B 80 5.62 -17.60 -8.86
CA ILE B 80 5.46 -17.73 -10.31
C ILE B 80 6.81 -17.52 -10.97
N ILE B 81 7.32 -18.56 -11.63
CA ILE B 81 8.60 -18.47 -12.31
C ILE B 81 8.39 -17.79 -13.66
N TRP B 82 8.59 -16.48 -13.68
CA TRP B 82 8.27 -15.71 -14.87
C TRP B 82 9.27 -15.95 -15.98
N ASP B 83 9.11 -15.18 -17.05
CA ASP B 83 10.08 -15.08 -18.13
C ASP B 83 10.22 -13.61 -18.49
N SER B 84 11.31 -13.26 -19.13
CA SER B 84 11.59 -11.85 -19.44
C SER B 84 11.77 -11.60 -20.93
N TYR B 85 11.49 -12.57 -21.78
CA TYR B 85 11.58 -12.37 -23.23
C TYR B 85 10.25 -12.52 -23.94
N THR B 86 9.34 -13.34 -23.41
CA THR B 86 7.99 -13.43 -23.95
C THR B 86 6.91 -13.35 -22.88
N THR B 87 7.29 -13.16 -21.62
CA THR B 87 6.37 -12.87 -20.52
C THR B 87 5.33 -13.99 -20.36
N ASN B 88 5.81 -15.18 -19.99
CA ASN B 88 4.94 -16.32 -19.80
C ASN B 88 5.23 -16.98 -18.46
N LYS B 89 4.17 -17.53 -17.86
CA LYS B 89 4.23 -18.14 -16.53
C LYS B 89 4.72 -19.57 -16.68
N VAL B 90 6.04 -19.72 -16.83
CA VAL B 90 6.67 -21.02 -17.02
C VAL B 90 6.23 -22.02 -15.95
N HIS B 91 6.01 -21.54 -14.73
CA HIS B 91 5.49 -22.39 -13.67
C HIS B 91 4.58 -21.55 -12.78
N ALA B 92 3.91 -22.22 -11.85
CA ALA B 92 3.11 -21.55 -10.82
C ALA B 92 3.17 -22.42 -9.58
N ILE B 93 4.12 -22.13 -8.70
CA ILE B 93 4.41 -22.97 -7.54
C ILE B 93 3.60 -22.46 -6.37
N PRO B 94 2.60 -23.21 -5.89
CA PRO B 94 1.86 -22.78 -4.71
C PRO B 94 2.60 -23.14 -3.43
N LEU B 95 2.41 -22.30 -2.42
CA LEU B 95 3.07 -22.48 -1.14
C LEU B 95 2.06 -22.78 -0.05
N ARG B 96 2.53 -23.40 1.02
CA ARG B 96 1.71 -23.65 2.18
C ARG B 96 1.83 -22.52 3.20
N SER B 97 2.93 -21.79 3.19
CA SER B 97 3.13 -20.62 4.04
C SER B 97 2.61 -19.41 3.28
N SER B 98 1.39 -18.99 3.59
CA SER B 98 0.71 -17.97 2.78
C SER B 98 1.55 -16.72 2.59
N TRP B 99 2.36 -16.35 3.58
CA TRP B 99 3.25 -15.21 3.45
C TRP B 99 4.60 -15.65 2.94
N VAL B 100 5.27 -14.73 2.25
CA VAL B 100 6.60 -14.95 1.71
C VAL B 100 7.36 -13.64 1.84
N MET B 101 8.47 -13.66 2.55
CA MET B 101 9.28 -12.45 2.68
C MET B 101 10.53 -12.50 1.81
N THR B 102 10.80 -13.61 1.15
CA THR B 102 11.94 -13.67 0.24
C THR B 102 11.82 -14.89 -0.67
N CYS B 103 12.50 -14.79 -1.81
CA CYS B 103 12.69 -15.89 -2.74
C CYS B 103 14.16 -15.92 -3.13
N ALA B 104 14.61 -17.08 -3.59
CA ALA B 104 16.01 -17.24 -3.97
C ALA B 104 16.09 -18.21 -5.13
N TYR B 105 17.02 -17.95 -6.05
CA TYR B 105 17.17 -18.72 -7.27
C TYR B 105 18.59 -19.26 -7.35
N ALA B 106 18.71 -20.58 -7.52
CA ALA B 106 20.01 -21.21 -7.59
C ALA B 106 20.80 -20.66 -8.76
N PRO B 107 22.14 -20.65 -8.69
CA PRO B 107 22.92 -20.12 -9.80
C PRO B 107 22.89 -20.99 -11.03
N SER B 108 22.64 -22.30 -10.88
CA SER B 108 22.52 -23.21 -12.01
C SER B 108 21.07 -23.38 -12.46
N GLY B 109 20.21 -22.41 -12.15
CA GLY B 109 18.82 -22.48 -12.58
C GLY B 109 18.13 -23.76 -12.20
N ASN B 110 18.47 -24.32 -11.04
CA ASN B 110 18.01 -25.66 -10.68
C ASN B 110 17.23 -25.73 -9.37
N TYR B 111 17.08 -24.63 -8.64
CA TYR B 111 16.34 -24.68 -7.38
C TYR B 111 15.76 -23.31 -7.07
N VAL B 112 14.81 -23.29 -6.13
CA VAL B 112 14.19 -22.07 -5.64
C VAL B 112 14.00 -22.19 -4.14
N ALA B 113 13.94 -21.04 -3.47
CA ALA B 113 13.75 -20.99 -2.03
C ALA B 113 12.66 -20.00 -1.69
N CYS B 114 12.08 -20.19 -0.50
CA CYS B 114 10.92 -19.41 -0.07
C CYS B 114 10.98 -19.28 1.44
N GLY B 115 9.85 -18.94 2.06
CA GLY B 115 9.74 -18.96 3.50
C GLY B 115 9.68 -17.58 4.14
N GLY B 116 8.72 -17.40 5.04
CA GLY B 116 8.51 -16.13 5.69
C GLY B 116 8.08 -16.25 7.13
N LEU B 117 6.98 -15.57 7.49
CA LEU B 117 6.51 -15.56 8.87
C LEU B 117 6.41 -16.94 9.49
N ASP B 118 6.22 -17.98 8.67
CA ASP B 118 6.12 -19.33 9.22
C ASP B 118 7.46 -19.93 9.59
N ASN B 119 8.51 -19.12 9.69
CA ASN B 119 9.79 -19.47 10.30
C ASN B 119 10.56 -20.53 9.51
N ILE B 120 9.98 -21.05 8.44
CA ILE B 120 10.51 -22.23 7.76
C ILE B 120 10.92 -21.84 6.35
N CYS B 121 12.18 -22.11 6.00
CA CYS B 121 12.63 -22.03 4.63
C CYS B 121 12.35 -23.37 3.94
N SER B 122 12.01 -23.30 2.66
CA SER B 122 11.66 -24.49 1.91
C SER B 122 12.39 -24.48 0.57
N ILE B 123 12.44 -25.65 -0.07
CA ILE B 123 13.15 -25.83 -1.32
C ILE B 123 12.24 -26.57 -2.29
N TYR B 124 11.88 -25.91 -3.38
CA TYR B 124 11.11 -26.53 -4.45
C TYR B 124 12.03 -26.93 -5.59
N ASN B 125 11.80 -28.11 -6.15
CA ASN B 125 12.60 -28.63 -7.25
C ASN B 125 11.80 -28.45 -8.54
N LEU B 126 12.35 -27.65 -9.46
CA LEU B 126 11.66 -27.39 -10.72
C LEU B 126 12.11 -28.30 -11.85
N LYS B 127 13.38 -28.73 -11.85
CA LYS B 127 13.86 -29.69 -12.85
C LYS B 127 13.59 -31.12 -12.36
N THR B 128 12.30 -31.45 -12.34
CA THR B 128 11.87 -32.75 -11.87
C THR B 128 11.73 -33.73 -13.04
N ARG B 129 11.30 -34.95 -12.73
CA ARG B 129 11.08 -35.95 -13.77
C ARG B 129 9.79 -36.75 -13.52
N GLU B 130 8.84 -36.19 -12.77
CA GLU B 130 7.60 -36.88 -12.49
C GLU B 130 6.38 -35.97 -12.58
N GLY B 131 6.52 -34.77 -13.14
CA GLY B 131 5.40 -33.87 -13.27
C GLY B 131 5.36 -32.74 -12.26
N ASN B 132 4.52 -32.89 -11.23
CA ASN B 132 4.27 -31.82 -10.27
C ASN B 132 5.56 -31.35 -9.61
N VAL B 133 5.61 -30.05 -9.32
CA VAL B 133 6.73 -29.46 -8.60
C VAL B 133 6.51 -29.64 -7.11
N ARG B 134 7.39 -30.41 -6.47
CA ARG B 134 7.22 -30.77 -5.07
C ARG B 134 8.31 -30.13 -4.22
N VAL B 135 7.99 -29.96 -2.93
CA VAL B 135 8.96 -29.41 -1.98
C VAL B 135 9.99 -30.47 -1.67
N SER B 136 11.27 -30.13 -1.85
CA SER B 136 12.33 -31.13 -1.71
C SER B 136 12.63 -31.42 -0.23
N ARG B 137 13.08 -30.42 0.50
CA ARG B 137 13.50 -30.63 1.89
C ARG B 137 13.26 -29.33 2.65
N GLU B 138 12.13 -29.25 3.35
CA GLU B 138 11.84 -28.09 4.17
C GLU B 138 12.57 -28.21 5.49
N LEU B 139 13.34 -27.18 5.84
CA LEU B 139 14.31 -27.25 6.93
C LEU B 139 14.04 -26.16 7.96
N ALA B 140 14.15 -26.53 9.23
CA ALA B 140 13.93 -25.58 10.32
C ALA B 140 14.74 -25.96 11.55
N HIS B 142 15.14 -22.43 13.78
CA HIS B 142 14.78 -21.02 13.84
C HIS B 142 13.55 -20.73 14.67
N THR B 143 13.64 -19.69 15.49
CA THR B 143 12.52 -19.15 16.25
C THR B 143 12.39 -17.69 15.84
N GLY B 144 11.58 -17.45 14.81
CA GLY B 144 11.40 -16.12 14.26
C GLY B 144 11.21 -16.15 12.76
N TYR B 145 10.85 -15.01 12.17
CA TYR B 145 10.67 -14.99 10.73
C TYR B 145 12.01 -15.12 10.03
N LEU B 146 11.96 -15.22 8.71
CA LEU B 146 13.12 -15.62 7.90
C LEU B 146 13.19 -14.72 6.68
N SER B 147 13.95 -13.63 6.79
CA SER B 147 13.82 -12.51 5.88
C SER B 147 14.85 -12.49 4.76
N CYS B 148 15.48 -13.62 4.45
CA CYS B 148 16.30 -13.69 3.25
C CYS B 148 16.71 -15.14 3.02
N CYS B 149 17.14 -15.41 1.80
CA CYS B 149 17.69 -16.70 1.42
C CYS B 149 18.60 -16.48 0.22
N ARG B 150 19.70 -17.21 0.17
CA ARG B 150 20.62 -17.13 -0.95
C ARG B 150 21.15 -18.51 -1.26
N PHE B 151 21.92 -18.62 -2.34
CA PHE B 151 22.45 -19.89 -2.78
C PHE B 151 23.92 -19.73 -3.10
N LEU B 152 24.76 -20.56 -2.50
CA LEU B 152 26.16 -20.65 -2.88
C LEU B 152 26.34 -21.64 -4.03
N ASP B 153 25.94 -22.89 -3.80
CA ASP B 153 25.80 -23.88 -4.85
C ASP B 153 24.40 -24.47 -4.78
N ASP B 154 24.14 -25.54 -5.50
CA ASP B 154 22.79 -26.07 -5.54
C ASP B 154 22.34 -26.71 -4.23
N ASN B 155 23.17 -26.77 -3.18
CA ASN B 155 22.71 -27.36 -1.93
C ASN B 155 23.22 -26.62 -0.67
N GLN B 156 23.56 -25.35 -0.77
CA GLN B 156 24.02 -24.57 0.38
C GLN B 156 23.33 -23.22 0.39
N ILE B 157 22.53 -22.97 1.43
CA ILE B 157 21.74 -21.75 1.55
C ILE B 157 22.17 -21.01 2.82
N VAL B 158 22.38 -19.71 2.72
CA VAL B 158 22.72 -18.90 3.88
C VAL B 158 21.56 -17.98 4.22
N THR B 159 20.64 -18.45 5.04
CA THR B 159 19.48 -17.67 5.38
C THR B 159 19.84 -16.58 6.39
N SER B 160 19.07 -15.50 6.38
CA SER B 160 19.05 -14.58 7.49
C SER B 160 17.95 -15.02 8.45
N SER B 161 17.59 -14.16 9.40
CA SER B 161 16.44 -14.42 10.26
C SER B 161 16.11 -13.14 11.00
N GLY B 162 15.01 -13.19 11.74
CA GLY B 162 14.68 -12.15 12.69
C GLY B 162 15.11 -12.63 14.05
N ASP B 163 15.49 -13.91 14.09
CA ASP B 163 16.09 -14.54 15.26
C ASP B 163 17.45 -13.96 15.61
N THR B 164 17.92 -12.97 14.86
CA THR B 164 19.19 -12.27 15.01
C THR B 164 20.39 -13.10 14.56
N THR B 165 20.17 -14.27 13.98
CA THR B 165 21.24 -15.23 13.73
C THR B 165 21.21 -15.70 12.28
N CYS B 166 22.14 -15.21 11.46
CA CYS B 166 22.41 -15.85 10.18
C CYS B 166 22.87 -17.28 10.43
N ALA B 167 22.40 -18.22 9.62
CA ALA B 167 22.66 -19.64 9.86
C ALA B 167 22.83 -20.36 8.54
N LEU B 168 24.09 -20.58 8.14
CA LEU B 168 24.35 -21.39 6.95
C LEU B 168 23.81 -22.80 7.12
N TRP B 169 23.16 -23.30 6.08
CA TRP B 169 22.55 -24.62 6.11
C TRP B 169 23.27 -25.55 5.15
N ASP B 170 22.87 -26.83 5.20
CA ASP B 170 23.25 -27.82 4.21
C ASP B 170 22.02 -28.68 3.93
N ILE B 171 21.50 -28.59 2.71
CA ILE B 171 20.21 -29.19 2.41
C ILE B 171 20.27 -30.71 2.56
N GLU B 172 21.38 -31.31 2.12
CA GLU B 172 21.60 -32.73 2.37
C GLU B 172 21.61 -32.97 3.88
N THR B 173 20.68 -33.82 4.33
CA THR B 173 20.41 -34.19 5.73
C THR B 173 19.96 -33.01 6.58
N GLY B 174 19.89 -31.81 5.97
CA GLY B 174 19.29 -30.65 6.61
C GLY B 174 19.87 -30.26 7.96
N GLN B 175 21.11 -29.80 7.98
CA GLN B 175 21.78 -29.42 9.21
C GLN B 175 22.35 -28.01 9.08
N GLN B 176 22.61 -27.39 10.23
CA GLN B 176 23.33 -26.12 10.28
C GLN B 176 24.81 -26.44 10.32
N THR B 177 25.44 -26.45 9.14
CA THR B 177 26.88 -26.68 9.08
C THR B 177 27.61 -25.71 9.99
N THR B 178 27.32 -24.43 9.87
CA THR B 178 27.82 -23.41 10.77
C THR B 178 26.61 -22.68 11.35
N THR B 179 26.87 -21.68 12.20
CA THR B 179 25.81 -20.83 12.74
C THR B 179 26.43 -19.52 13.21
N PHE B 180 25.90 -18.41 12.72
CA PHE B 180 26.43 -17.09 13.02
C PHE B 180 25.50 -16.39 13.99
N THR B 181 26.08 -15.51 14.82
CA THR B 181 25.33 -14.78 15.84
C THR B 181 26.24 -13.67 16.35
N GLY B 182 25.63 -12.70 17.04
CA GLY B 182 26.39 -11.59 17.59
C GLY B 182 25.88 -10.24 17.16
N HIS B 183 24.61 -10.14 16.83
CA HIS B 183 24.02 -8.90 16.34
C HIS B 183 23.21 -8.16 17.40
N THR B 184 22.43 -8.87 18.21
CA THR B 184 21.50 -8.26 19.17
C THR B 184 20.58 -7.29 18.43
N GLY B 185 19.79 -7.85 17.54
CA GLY B 185 18.90 -7.08 16.69
C GLY B 185 18.56 -7.87 15.45
N ASP B 186 17.46 -7.46 14.82
CA ASP B 186 16.98 -8.16 13.63
C ASP B 186 18.08 -8.20 12.56
N VAL B 187 17.96 -9.16 11.66
CA VAL B 187 18.86 -9.29 10.51
C VAL B 187 18.00 -9.26 9.26
N MET B 188 17.97 -8.10 8.60
CA MET B 188 17.04 -7.88 7.49
C MET B 188 17.54 -8.53 6.21
N SER B 189 18.69 -8.09 5.70
CA SER B 189 19.14 -8.51 4.38
C SER B 189 20.59 -8.98 4.45
N LEU B 190 20.99 -9.70 3.39
CA LEU B 190 22.36 -10.18 3.26
C LEU B 190 22.69 -10.33 1.79
N SER B 191 23.95 -10.11 1.45
CA SER B 191 24.45 -10.30 0.10
C SER B 191 25.44 -11.45 0.09
N LEU B 192 26.09 -11.65 -1.05
CA LEU B 192 27.17 -12.64 -1.17
C LEU B 192 28.19 -12.13 -2.17
N ALA B 193 29.47 -12.27 -1.81
CA ALA B 193 30.53 -11.87 -2.71
C ALA B 193 30.46 -12.67 -4.00
N PRO B 194 30.93 -12.12 -5.12
CA PRO B 194 30.90 -12.89 -6.37
C PRO B 194 31.74 -14.15 -6.32
N ASP B 195 32.95 -14.07 -5.77
CA ASP B 195 33.78 -15.26 -5.58
C ASP B 195 33.22 -16.20 -4.52
N THR B 196 32.18 -15.78 -3.80
CA THR B 196 31.45 -16.63 -2.84
C THR B 196 32.41 -17.18 -1.79
N ARG B 197 32.93 -16.27 -0.97
CA ARG B 197 33.80 -16.61 0.15
C ARG B 197 33.49 -15.85 1.42
N LEU B 198 32.87 -14.67 1.34
CA LEU B 198 32.54 -13.88 2.51
C LEU B 198 31.39 -12.96 2.13
N PHE B 199 30.51 -12.70 3.10
CA PHE B 199 29.26 -12.01 2.80
C PHE B 199 28.88 -11.07 3.93
N VAL B 200 28.49 -9.84 3.56
CA VAL B 200 27.98 -8.89 4.54
C VAL B 200 26.61 -9.34 4.99
N SER B 201 26.10 -8.76 6.08
CA SER B 201 24.78 -9.13 6.58
C SER B 201 24.23 -7.93 7.34
N GLY B 202 23.31 -7.20 6.72
CA GLY B 202 22.67 -6.08 7.37
C GLY B 202 21.92 -6.49 8.62
N ALA B 203 21.41 -5.51 9.33
CA ALA B 203 20.75 -5.77 10.60
C ALA B 203 19.91 -4.56 10.99
N CYS B 204 19.27 -4.66 12.16
CA CYS B 204 18.44 -3.60 12.71
C CYS B 204 19.11 -2.87 13.85
N ASP B 205 20.43 -2.71 13.79
CA ASP B 205 21.17 -1.89 14.74
C ASP B 205 22.12 -0.94 14.03
N ALA B 206 21.86 -0.65 12.75
CA ALA B 206 22.79 0.08 11.89
C ALA B 206 24.13 -0.65 11.80
N SER B 207 24.10 -1.96 11.97
CA SER B 207 25.31 -2.78 12.10
C SER B 207 25.46 -3.63 10.84
N ALA B 208 26.24 -3.14 9.88
CA ALA B 208 26.52 -3.88 8.65
C ALA B 208 27.70 -4.84 8.87
N LYS B 209 27.50 -5.75 9.82
CA LYS B 209 28.57 -6.64 10.26
C LYS B 209 28.90 -7.65 9.16
N LEU B 210 30.13 -7.59 8.64
CA LEU B 210 30.60 -8.58 7.71
C LEU B 210 30.89 -9.90 8.43
N TRP B 211 30.95 -10.98 7.67
CA TRP B 211 31.23 -12.30 8.24
C TRP B 211 32.17 -13.06 7.32
N ASP B 212 32.55 -14.26 7.76
CA ASP B 212 33.38 -15.16 6.98
C ASP B 212 32.68 -16.51 6.89
N VAL B 213 32.49 -17.00 5.67
CA VAL B 213 31.64 -18.16 5.45
C VAL B 213 32.24 -19.42 6.07
N ARG B 214 33.56 -19.54 6.07
CA ARG B 214 34.20 -20.79 6.49
C ARG B 214 34.23 -20.93 8.01
N GLU B 215 34.88 -19.99 8.70
CA GLU B 215 35.06 -20.12 10.14
C GLU B 215 33.75 -19.95 10.89
N GLY B 216 33.13 -18.78 10.76
CA GLY B 216 31.88 -18.54 11.45
C GLY B 216 31.92 -17.43 12.48
N MET B 217 32.75 -16.41 12.24
CA MET B 217 32.83 -15.26 13.12
C MET B 217 33.00 -14.00 12.28
N CYS B 218 32.72 -12.86 12.90
CA CYS B 218 32.90 -11.59 12.22
C CYS B 218 34.37 -11.37 11.88
N ARG B 219 34.60 -10.49 10.91
CA ARG B 219 35.96 -10.12 10.54
C ARG B 219 36.22 -8.63 10.76
N GLN B 220 35.38 -7.76 10.20
CA GLN B 220 35.53 -6.32 10.40
C GLN B 220 34.14 -5.69 10.32
N THR B 221 33.52 -5.49 11.48
CA THR B 221 32.16 -5.00 11.54
C THR B 221 32.11 -3.51 11.14
N PHE B 222 30.91 -2.97 11.11
CA PHE B 222 30.70 -1.55 10.86
C PHE B 222 29.51 -1.07 11.65
N THR B 223 29.47 0.25 11.86
CA THR B 223 28.28 0.90 12.40
C THR B 223 28.36 2.36 12.00
N GLY B 224 27.54 2.77 11.04
CA GLY B 224 27.62 4.12 10.53
C GLY B 224 26.29 4.72 10.13
N HIS B 225 25.19 4.13 10.58
CA HIS B 225 23.87 4.59 10.21
C HIS B 225 23.11 5.05 11.45
N GLU B 226 21.98 5.71 11.22
CA GLU B 226 21.18 6.28 12.27
C GLU B 226 19.89 5.50 12.53
N SER B 227 19.53 4.55 11.68
CA SER B 227 18.39 3.69 11.92
C SER B 227 18.67 2.32 11.33
N ASP B 228 17.66 1.44 11.39
CA ASP B 228 17.82 0.08 10.92
C ASP B 228 18.16 0.04 9.43
N ILE B 229 18.69 -1.10 9.00
CA ILE B 229 19.08 -1.32 7.61
C ILE B 229 18.04 -2.20 6.94
N ASN B 230 17.45 -1.72 5.84
CA ASN B 230 16.45 -2.49 5.14
C ASN B 230 17.06 -3.47 4.15
N ALA B 231 18.02 -3.03 3.35
CA ALA B 231 18.56 -3.91 2.34
C ALA B 231 19.97 -3.50 1.98
N ILE B 232 20.76 -4.50 1.58
CA ILE B 232 22.19 -4.36 1.39
C ILE B 232 22.55 -4.91 0.01
N CYS B 233 23.78 -4.64 -0.42
CA CYS B 233 24.25 -5.02 -1.75
C CYS B 233 25.68 -5.48 -1.64
N PHE B 234 26.34 -5.61 -2.79
CA PHE B 234 27.75 -5.95 -2.82
C PHE B 234 28.32 -5.51 -4.16
N PHE B 235 29.41 -4.74 -4.12
CA PHE B 235 30.02 -4.24 -5.34
C PHE B 235 30.39 -5.41 -6.25
N PRO B 236 30.34 -5.21 -7.57
CA PRO B 236 30.64 -6.31 -8.49
C PRO B 236 31.99 -6.98 -8.29
N ASN B 237 33.02 -6.25 -7.85
CA ASN B 237 34.30 -6.92 -7.65
C ASN B 237 34.39 -7.58 -6.28
N GLY B 238 34.11 -6.83 -5.21
CA GLY B 238 34.15 -7.42 -3.88
C GLY B 238 34.74 -6.51 -2.83
N ASN B 239 35.46 -5.47 -3.27
CA ASN B 239 36.14 -4.55 -2.36
C ASN B 239 35.29 -3.35 -1.98
N ALA B 240 33.96 -3.48 -2.03
CA ALA B 240 33.06 -2.43 -1.63
C ALA B 240 31.67 -3.03 -1.47
N PHE B 241 30.80 -2.30 -0.75
CA PHE B 241 29.41 -2.71 -0.63
C PHE B 241 28.59 -1.54 -0.11
N ALA B 242 27.45 -1.30 -0.76
CA ALA B 242 26.56 -0.21 -0.39
C ALA B 242 25.55 -0.68 0.65
N THR B 243 24.71 0.23 1.12
CA THR B 243 23.77 -0.08 2.17
C THR B 243 22.71 1.00 2.24
N GLY B 244 21.44 0.57 2.37
CA GLY B 244 20.36 1.51 2.57
C GLY B 244 19.80 1.41 3.98
N SER B 245 19.12 2.45 4.45
CA SER B 245 18.62 2.49 5.82
C SER B 245 17.24 3.11 5.80
N ASP B 246 16.70 3.40 6.99
CA ASP B 246 15.39 4.00 7.12
C ASP B 246 15.40 5.51 7.10
N ASP B 247 16.58 6.14 7.02
CA ASP B 247 16.69 7.59 7.02
C ASP B 247 17.01 8.14 5.63
N ALA B 248 16.45 7.50 4.59
CA ALA B 248 16.53 7.99 3.22
C ALA B 248 17.96 8.19 2.74
N THR B 249 18.88 7.37 3.24
CA THR B 249 20.29 7.52 2.89
C THR B 249 20.87 6.19 2.47
N CYS B 250 21.61 6.21 1.37
CA CYS B 250 22.48 5.10 1.00
C CYS B 250 23.92 5.50 1.29
N ARG B 251 24.70 4.57 1.83
CA ARG B 251 26.05 4.87 2.28
C ARG B 251 27.02 3.88 1.67
N LEU B 252 27.85 4.34 0.74
CA LEU B 252 28.83 3.47 0.10
C LEU B 252 29.93 3.14 1.10
N PHE B 253 29.79 2.01 1.76
CA PHE B 253 30.78 1.58 2.73
C PHE B 253 31.99 1.01 2.02
N ASP B 254 32.92 0.44 2.78
CA ASP B 254 34.05 -0.26 2.23
C ASP B 254 34.47 -1.33 3.24
N LEU B 255 35.04 -2.42 2.73
CA LEU B 255 35.51 -3.51 3.57
C LEU B 255 37.02 -3.70 3.44
N ARG B 256 37.74 -2.70 2.95
CA ARG B 256 39.19 -2.66 3.02
C ARG B 256 39.72 -1.56 3.93
N ALA B 257 38.87 -0.62 4.35
CA ALA B 257 39.30 0.51 5.16
C ALA B 257 38.46 0.69 6.42
N ASP B 258 37.57 -0.26 6.72
CA ASP B 258 36.78 -0.29 7.95
C ASP B 258 35.90 0.94 8.14
N GLN B 259 35.69 1.74 7.09
CA GLN B 259 34.82 2.90 7.17
C GLN B 259 34.05 3.01 5.86
N GLU B 260 33.38 4.14 5.68
CA GLU B 260 32.65 4.42 4.45
C GLU B 260 33.51 5.29 3.54
N LEU B 261 32.96 5.63 2.38
CA LEU B 261 33.65 6.50 1.42
C LEU B 261 32.78 7.62 0.89
N MET B 262 31.46 7.56 1.07
CA MET B 262 30.56 8.62 0.65
C MET B 262 29.18 8.30 1.21
N THR B 263 28.39 9.35 1.43
CA THR B 263 27.00 9.20 1.84
C THR B 263 26.10 9.77 0.75
N TYR B 264 25.08 9.01 0.37
CA TYR B 264 24.10 9.44 -0.61
C TYR B 264 22.89 9.97 0.13
N SER B 265 22.57 11.24 -0.10
CA SER B 265 21.48 11.88 0.62
C SER B 265 21.05 13.12 -0.14
N HIS B 266 19.75 13.28 -0.32
CA HIS B 266 19.18 14.44 -0.98
C HIS B 266 18.13 15.03 -0.05
N ASP B 267 18.28 16.32 0.27
CA ASP B 267 17.41 16.94 1.26
C ASP B 267 15.95 16.98 0.83
N ASN B 268 15.65 16.71 -0.44
CA ASN B 268 14.30 16.78 -0.96
C ASN B 268 13.42 15.60 -0.55
N ILE B 269 13.99 14.54 0.02
CA ILE B 269 13.27 13.31 0.26
C ILE B 269 13.54 12.83 1.68
N ILE B 270 12.47 12.38 2.36
CA ILE B 270 12.59 11.76 3.67
C ILE B 270 11.70 10.53 3.72
N CYS B 271 12.32 9.36 3.57
CA CYS B 271 11.60 8.10 3.46
C CYS B 271 12.57 6.96 3.78
N GLY B 272 12.20 5.74 3.45
CA GLY B 272 13.05 4.61 3.77
C GLY B 272 13.40 3.72 2.60
N ILE B 273 14.70 3.56 2.33
CA ILE B 273 15.14 2.63 1.30
C ILE B 273 14.55 1.25 1.55
N THR B 274 14.23 0.54 0.48
CA THR B 274 13.66 -0.80 0.59
C THR B 274 14.40 -1.87 -0.19
N SER B 275 15.24 -1.50 -1.16
CA SER B 275 16.16 -2.47 -1.74
C SER B 275 17.15 -1.73 -2.63
N VAL B 276 18.36 -2.30 -2.71
CA VAL B 276 19.47 -1.70 -3.44
C VAL B 276 20.09 -2.78 -4.33
N SER B 277 20.75 -2.34 -5.40
CA SER B 277 21.58 -3.20 -6.24
C SER B 277 22.36 -2.32 -7.19
N PHE B 278 23.55 -2.79 -7.56
CA PHE B 278 24.42 -2.04 -8.46
C PHE B 278 24.12 -2.36 -9.91
N SER B 279 24.86 -1.74 -10.81
CA SER B 279 24.90 -2.11 -12.22
C SER B 279 26.04 -3.11 -12.43
N LYS B 280 26.40 -3.37 -13.68
CA LYS B 280 27.57 -4.22 -13.93
C LYS B 280 28.86 -3.48 -13.59
N SER B 281 29.07 -2.32 -14.19
CA SER B 281 30.27 -1.53 -13.93
C SER B 281 30.26 -0.86 -12.56
N GLY B 282 29.25 -1.11 -11.75
CA GLY B 282 29.16 -0.43 -10.46
C GLY B 282 29.02 1.06 -10.56
N ARG B 283 28.53 1.57 -11.68
CA ARG B 283 28.48 3.01 -11.92
C ARG B 283 27.15 3.62 -11.49
N LEU B 284 26.05 2.93 -11.71
CA LEU B 284 24.72 3.44 -11.39
C LEU B 284 24.16 2.64 -10.21
N LEU B 285 24.01 3.30 -9.06
CA LEU B 285 23.54 2.66 -7.85
C LEU B 285 22.03 2.84 -7.75
N LEU B 286 21.29 1.80 -8.12
CA LEU B 286 19.83 1.83 -8.05
C LEU B 286 19.39 1.93 -6.59
N ALA B 287 18.09 2.16 -6.40
CA ALA B 287 17.51 2.24 -5.07
C ALA B 287 16.00 2.23 -5.18
N GLY B 288 15.35 1.48 -4.30
CA GLY B 288 13.91 1.49 -4.25
C GLY B 288 13.35 2.22 -3.05
N TYR B 289 12.85 3.44 -3.25
CA TYR B 289 12.43 4.30 -2.15
C TYR B 289 11.02 3.92 -1.70
N ASP B 290 10.42 4.79 -0.90
CA ASP B 290 9.08 4.57 -0.36
C ASP B 290 8.06 5.58 -0.86
N ASP B 291 8.49 6.68 -1.50
CA ASP B 291 7.57 7.59 -2.14
C ASP B 291 7.30 7.21 -3.59
N PHE B 292 7.37 5.91 -3.89
CA PHE B 292 6.91 5.22 -5.08
C PHE B 292 7.89 5.30 -6.26
N ASN B 293 8.99 6.03 -6.15
CA ASN B 293 9.90 6.16 -7.28
C ASN B 293 11.05 5.17 -7.13
N CYS B 294 12.05 5.29 -8.01
CA CYS B 294 13.26 4.49 -7.95
C CYS B 294 14.41 5.35 -8.47
N ASN B 295 15.12 6.01 -7.56
CA ASN B 295 16.22 6.87 -7.98
C ASN B 295 17.35 6.06 -8.60
N VAL B 296 18.31 6.76 -9.19
CA VAL B 296 19.57 6.19 -9.60
C VAL B 296 20.69 7.14 -9.16
N TRP B 297 21.74 6.57 -8.59
CA TRP B 297 22.82 7.35 -8.02
C TRP B 297 24.13 7.05 -8.73
N ASP B 298 24.93 8.07 -8.99
CA ASP B 298 26.24 7.87 -9.56
C ASP B 298 27.16 7.16 -8.56
N ALA B 299 28.23 6.57 -9.08
CA ALA B 299 29.13 5.79 -8.24
C ALA B 299 29.92 6.70 -7.30
N LEU B 300 30.72 7.60 -7.87
CA LEU B 300 31.56 8.50 -7.09
C LEU B 300 31.22 9.96 -7.33
N LYS B 301 30.06 10.25 -7.90
CA LYS B 301 29.60 11.61 -8.20
C LYS B 301 28.15 11.78 -7.78
N ALA B 302 27.85 11.42 -6.53
CA ALA B 302 26.50 11.28 -6.01
C ALA B 302 25.58 12.40 -6.44
N ASP B 303 24.51 12.04 -7.14
CA ASP B 303 23.42 12.94 -7.50
C ASP B 303 22.29 12.10 -8.08
N SER B 304 21.05 12.49 -7.81
CA SER B 304 19.89 11.78 -8.32
C SER B 304 19.76 12.10 -9.81
N ALA B 305 20.31 11.23 -10.66
CA ALA B 305 20.37 11.53 -12.09
C ALA B 305 19.00 11.35 -12.76
N GLY B 306 18.47 10.13 -12.76
CA GLY B 306 17.21 9.88 -13.42
C GLY B 306 16.24 9.05 -12.59
N VAL B 307 15.10 9.62 -12.26
CA VAL B 307 14.10 8.94 -11.45
C VAL B 307 13.28 8.03 -12.36
N LEU B 308 13.25 6.74 -12.03
CA LEU B 308 12.44 5.78 -12.78
C LEU B 308 11.07 5.58 -12.13
N ALA B 309 10.36 6.68 -11.88
CA ALA B 309 9.08 6.60 -11.19
C ALA B 309 8.05 5.95 -12.10
N GLY B 310 7.74 4.69 -11.82
CA GLY B 310 6.72 4.01 -12.59
C GLY B 310 5.61 3.40 -11.75
N HIS B 311 5.90 3.11 -10.49
CA HIS B 311 4.99 2.32 -9.67
C HIS B 311 3.95 3.19 -8.98
N ASP B 312 3.09 2.54 -8.20
CA ASP B 312 1.95 3.22 -7.59
C ASP B 312 1.71 2.87 -6.12
N ASN B 313 2.45 1.94 -5.54
CA ASN B 313 2.25 1.73 -4.10
C ASN B 313 3.53 1.75 -3.28
N ARG B 314 4.61 1.19 -3.78
CA ARG B 314 5.86 1.05 -3.02
C ARG B 314 6.89 0.51 -4.02
N VAL B 315 8.09 0.20 -3.54
CA VAL B 315 9.04 -0.58 -4.32
C VAL B 315 9.65 -1.64 -3.42
N SER B 316 9.14 -2.87 -3.48
CA SER B 316 9.47 -3.85 -2.47
C SER B 316 10.80 -4.55 -2.70
N CYS B 317 11.29 -4.59 -3.94
CA CYS B 317 12.60 -5.15 -4.23
C CYS B 317 13.11 -4.56 -5.54
N LEU B 318 14.26 -5.05 -5.97
CA LEU B 318 14.94 -4.56 -7.16
C LEU B 318 16.02 -5.55 -7.51
N GLY B 319 16.40 -5.58 -8.79
CA GLY B 319 17.41 -6.52 -9.24
C GLY B 319 17.97 -6.11 -10.58
N VAL B 320 19.15 -6.65 -10.88
CA VAL B 320 19.85 -6.35 -12.12
C VAL B 320 20.38 -7.67 -12.68
N THR B 321 20.34 -7.80 -14.00
CA THR B 321 20.83 -9.01 -14.64
C THR B 321 22.31 -9.22 -14.36
N ASP B 322 22.74 -10.47 -14.45
CA ASP B 322 24.15 -10.77 -14.19
C ASP B 322 25.06 -10.28 -15.30
N ASP B 323 24.51 -9.66 -16.34
CA ASP B 323 25.31 -8.96 -17.35
C ASP B 323 24.82 -7.53 -17.54
N GLY B 324 24.07 -6.99 -16.58
CA GLY B 324 23.62 -5.61 -16.62
C GLY B 324 22.77 -5.29 -17.82
N MET B 325 21.58 -5.86 -17.91
CA MET B 325 20.74 -5.70 -19.09
C MET B 325 19.37 -5.13 -18.80
N ALA B 326 18.72 -5.53 -17.72
CA ALA B 326 17.32 -5.18 -17.51
C ALA B 326 17.00 -5.19 -16.02
N VAL B 327 16.91 -4.00 -15.42
CA VAL B 327 16.40 -3.88 -14.06
C VAL B 327 14.95 -4.35 -14.01
N ALA B 328 14.50 -4.71 -12.81
CA ALA B 328 13.13 -5.20 -12.66
C ALA B 328 12.69 -5.01 -11.22
N THR B 329 11.70 -4.15 -11.01
CA THR B 329 11.28 -3.70 -9.68
C THR B 329 9.88 -4.20 -9.38
N GLY B 330 9.76 -5.12 -8.45
CA GLY B 330 8.45 -5.66 -8.10
C GLY B 330 7.78 -4.95 -6.95
N SER B 331 6.81 -4.09 -7.26
CA SER B 331 6.20 -3.20 -6.27
C SER B 331 5.14 -3.93 -5.46
N TRP B 332 4.35 -3.18 -4.69
CA TRP B 332 3.35 -3.73 -3.79
C TRP B 332 1.96 -3.83 -4.41
N ASP B 333 1.81 -3.59 -5.71
CA ASP B 333 0.50 -3.61 -6.32
C ASP B 333 0.33 -4.75 -7.32
N SER B 334 1.14 -5.80 -7.20
CA SER B 334 1.07 -7.05 -7.96
C SER B 334 1.64 -6.96 -9.37
N PHE B 335 2.32 -5.89 -9.75
CA PHE B 335 2.80 -5.73 -11.11
C PHE B 335 4.30 -5.50 -11.11
N LEU B 336 5.05 -6.49 -11.60
CA LEU B 336 6.46 -6.24 -11.89
C LEU B 336 6.59 -5.25 -13.04
N LYS B 337 7.84 -4.88 -13.33
CA LYS B 337 8.12 -3.95 -14.42
C LYS B 337 9.58 -4.12 -14.80
N ILE B 338 9.84 -4.58 -16.01
CA ILE B 338 11.20 -4.89 -16.45
C ILE B 338 11.70 -3.68 -17.24
N TRP B 339 12.36 -2.76 -16.55
CA TRP B 339 13.01 -1.65 -17.20
C TRP B 339 14.20 -2.14 -18.02
N ASN B 340 14.81 -1.23 -18.76
CA ASN B 340 15.88 -1.61 -19.67
C ASN B 340 16.81 -0.44 -19.97
N LEU C 22 32.40 -9.24 23.64
CA LEU C 22 32.30 -7.88 23.12
C LEU C 22 33.68 -7.21 23.06
N VAL C 23 34.39 -7.19 24.19
CA VAL C 23 35.72 -6.60 24.22
C VAL C 23 36.69 -7.44 23.42
N GLU C 24 36.59 -8.77 23.52
CA GLU C 24 37.39 -9.65 22.69
C GLU C 24 37.17 -9.37 21.21
N GLN C 25 35.91 -9.15 20.83
CA GLN C 25 35.61 -8.86 19.42
C GLN C 25 36.16 -7.50 19.01
N LEU C 26 36.06 -6.50 19.89
CA LEU C 26 36.63 -5.19 19.57
C LEU C 26 38.14 -5.30 19.34
N LYS C 27 38.83 -6.06 20.19
CA LYS C 27 40.27 -6.22 20.04
C LYS C 27 40.61 -6.98 18.75
N MET C 28 39.97 -8.13 18.55
CA MET C 28 40.24 -8.96 17.38
C MET C 28 39.81 -8.30 16.08
N GLU C 29 38.99 -7.25 16.12
CA GLU C 29 38.69 -6.46 14.94
C GLU C 29 39.56 -5.23 14.81
N ALA C 30 40.17 -4.77 15.90
CA ALA C 30 41.09 -3.64 15.86
C ALA C 30 42.52 -4.05 15.57
N ASN C 31 42.86 -5.33 15.66
CA ASN C 31 44.23 -5.78 15.41
C ASN C 31 44.41 -6.32 13.98
N ILE C 32 43.75 -5.71 12.99
CA ILE C 32 43.91 -6.11 11.60
C ILE C 32 44.38 -4.92 10.79
N ASP C 33 44.57 -5.10 9.49
CA ASP C 33 45.11 -4.08 8.62
C ASP C 33 44.01 -3.19 8.07
N ARG C 34 44.40 -1.97 7.67
CA ARG C 34 43.46 -0.97 7.17
C ARG C 34 44.17 -0.16 6.10
N ILE C 35 43.91 -0.47 4.82
CA ILE C 35 44.53 0.27 3.73
C ILE C 35 44.01 1.72 3.72
N LYS C 36 44.75 2.59 3.06
CA LYS C 36 44.39 4.00 3.00
C LYS C 36 43.29 4.25 1.99
N VAL C 37 42.53 5.33 2.23
CA VAL C 37 41.49 5.74 1.29
C VAL C 37 42.10 6.13 -0.05
N SER C 38 43.25 6.80 -0.02
CA SER C 38 43.92 7.18 -1.25
C SER C 38 44.26 5.98 -2.13
N LYS C 39 44.31 4.79 -1.55
CA LYS C 39 44.56 3.57 -2.30
C LYS C 39 43.28 2.80 -2.62
N ALA C 40 42.28 2.86 -1.74
CA ALA C 40 41.05 2.11 -1.97
C ALA C 40 40.14 2.81 -2.98
N ALA C 41 39.99 4.13 -2.85
CA ALA C 41 39.16 4.87 -3.79
C ALA C 41 39.73 4.82 -5.20
N ALA C 42 41.05 4.76 -5.34
CA ALA C 42 41.65 4.66 -6.66
C ALA C 42 41.26 3.35 -7.34
N ASP C 43 41.27 2.25 -6.59
CA ASP C 43 40.85 0.96 -7.15
C ASP C 43 39.36 0.98 -7.48
N LEU C 44 38.54 1.50 -6.57
CA LEU C 44 37.10 1.59 -6.83
C LEU C 44 36.83 2.40 -8.09
N MET C 45 37.59 3.47 -8.30
CA MET C 45 37.40 4.29 -9.49
C MET C 45 37.86 3.55 -10.75
N ALA C 46 39.05 2.95 -10.70
CA ALA C 46 39.62 2.31 -11.88
C ALA C 46 38.80 1.10 -12.34
N TYR C 47 38.21 0.34 -11.41
CA TYR C 47 37.39 -0.80 -11.81
C TYR C 47 36.21 -0.35 -12.66
N CYS C 48 35.48 0.67 -12.20
CA CYS C 48 34.37 1.21 -12.97
C CYS C 48 34.85 1.83 -14.27
N GLU C 49 35.96 2.55 -14.24
CA GLU C 49 36.48 3.18 -15.45
C GLU C 49 36.90 2.17 -16.50
N ALA C 50 37.27 0.96 -16.09
CA ALA C 50 37.63 -0.10 -17.03
C ALA C 50 36.44 -0.95 -17.47
N HIS C 51 35.41 -1.09 -16.63
CA HIS C 51 34.24 -1.88 -17.01
C HIS C 51 33.13 -1.05 -17.67
N ALA C 52 33.25 0.28 -17.67
CA ALA C 52 32.24 1.10 -18.35
C ALA C 52 32.08 0.71 -19.81
N LYS C 53 33.12 0.18 -20.44
CA LYS C 53 33.02 -0.28 -21.82
C LYS C 53 31.98 -1.39 -21.94
N GLU C 54 32.18 -2.48 -21.18
CA GLU C 54 31.25 -3.60 -21.25
C GLU C 54 29.90 -3.26 -20.66
N ASP C 55 29.80 -2.23 -19.82
CA ASP C 55 28.53 -1.85 -19.24
C ASP C 55 27.60 -1.28 -20.31
N PRO C 56 26.47 -1.92 -20.63
CA PRO C 56 25.61 -1.41 -21.70
C PRO C 56 24.53 -0.46 -21.20
N LEU C 57 24.22 -0.50 -19.91
CA LEU C 57 23.13 0.29 -19.36
C LEU C 57 23.52 1.75 -19.13
N LEU C 58 24.80 2.06 -19.13
CA LEU C 58 25.27 3.43 -18.98
C LEU C 58 24.84 4.28 -20.17
N GLN D 24 28.36 5.65 14.85
CA GLN D 24 27.82 5.05 16.07
C GLN D 24 26.96 6.04 16.83
N VAL D 25 25.81 5.60 17.32
CA VAL D 25 24.91 6.43 18.10
C VAL D 25 25.21 6.26 19.58
N GLN D 26 25.17 7.35 20.32
CA GLN D 26 25.56 7.35 21.73
C GLN D 26 24.46 8.03 22.54
N LEU D 27 23.91 7.30 23.51
CA LEU D 27 22.82 7.78 24.36
C LEU D 27 23.19 7.50 25.82
N GLN D 28 23.86 8.46 26.45
CA GLN D 28 24.25 8.34 27.86
C GLN D 28 23.28 9.15 28.72
N GLU D 29 23.49 9.09 30.03
CA GLU D 29 22.64 9.80 30.98
C GLU D 29 23.52 10.48 32.02
N SER D 30 22.89 11.05 33.03
CA SER D 30 23.58 11.74 34.12
C SER D 30 22.66 11.76 35.33
N GLY D 31 23.02 12.55 36.34
CA GLY D 31 22.24 12.73 37.54
C GLY D 31 21.91 11.42 38.26
N GLY D 32 20.92 11.51 39.14
CA GLY D 32 20.45 10.35 39.87
C GLY D 32 21.24 10.08 41.13
N GLY D 33 20.72 9.14 41.92
CA GLY D 33 21.35 8.77 43.18
C GLY D 33 20.36 8.25 44.20
N LEU D 34 20.39 8.82 45.40
CA LEU D 34 19.55 8.39 46.51
C LEU D 34 19.02 9.63 47.23
N VAL D 35 17.71 9.80 47.22
CA VAL D 35 17.06 10.97 47.83
C VAL D 35 15.81 10.51 48.56
N GLN D 36 15.54 11.12 49.72
CA GLN D 36 14.34 10.87 50.50
C GLN D 36 13.11 11.34 49.73
N PRO D 37 11.89 10.95 50.15
CA PRO D 37 10.69 11.43 49.44
C PRO D 37 10.62 12.94 49.33
N GLY D 38 9.83 13.44 48.38
CA GLY D 38 9.71 14.85 48.14
C GLY D 38 10.91 15.52 47.52
N GLY D 39 11.93 14.76 47.13
CA GLY D 39 13.14 15.34 46.57
C GLY D 39 12.95 15.91 45.18
N SER D 40 14.05 16.07 44.44
CA SER D 40 13.99 16.62 43.09
C SER D 40 15.24 16.23 42.33
N LEU D 41 15.08 15.44 41.28
CA LEU D 41 16.18 15.05 40.40
C LEU D 41 15.93 15.62 39.01
N ARG D 42 17.02 15.93 38.31
CA ARG D 42 16.95 16.49 36.96
C ARG D 42 17.93 15.71 36.09
N LEU D 43 17.45 14.66 35.46
CA LEU D 43 18.29 13.78 34.67
C LEU D 43 18.52 14.37 33.28
N SER D 44 19.65 14.02 32.69
CA SER D 44 20.01 14.48 31.35
C SER D 44 20.20 13.27 30.43
N CYS D 45 20.55 13.55 29.17
CA CYS D 45 20.76 12.49 28.20
C CYS D 45 21.58 13.05 27.05
N ALA D 46 22.78 12.52 26.85
CA ALA D 46 23.70 13.02 25.82
C ALA D 46 23.50 12.20 24.56
N ALA D 47 22.94 12.82 23.52
CA ALA D 47 22.64 12.16 22.26
C ALA D 47 23.52 12.74 21.16
N SER D 48 24.37 11.90 20.58
CA SER D 48 25.24 12.33 19.49
C SER D 48 25.43 11.17 18.52
N GLY D 49 25.74 11.52 17.28
CA GLY D 49 25.90 10.53 16.23
C GLY D 49 24.85 10.68 15.15
N PHE D 50 23.63 11.00 15.56
CA PHE D 50 22.52 11.22 14.65
C PHE D 50 21.98 12.64 14.82
N THR D 51 21.33 13.12 13.77
CA THR D 51 20.61 14.39 13.88
C THR D 51 19.50 14.24 14.91
N PHE D 52 19.45 15.19 15.86
CA PHE D 52 18.52 15.10 16.97
C PHE D 52 17.20 15.81 16.71
N SER D 53 17.14 16.69 15.71
CA SER D 53 16.01 17.58 15.56
C SER D 53 14.76 16.89 15.02
N ASN D 54 14.83 15.61 14.65
CA ASN D 54 13.68 14.97 14.01
C ASN D 54 13.42 13.56 14.50
N TYR D 55 13.90 13.19 15.69
CA TYR D 55 13.67 11.86 16.25
C TYR D 55 12.89 12.01 17.55
N LYS D 56 11.75 11.34 17.63
CA LYS D 56 10.89 11.42 18.80
C LYS D 56 11.47 10.60 19.94
N MET D 57 11.75 11.24 21.06
CA MET D 57 12.40 10.59 22.19
C MET D 57 11.38 10.21 23.26
N ASN D 58 11.85 9.47 24.26
CA ASN D 58 11.05 9.12 25.43
C ASN D 58 11.92 8.43 26.47
N TRP D 59 11.59 8.65 27.74
CA TRP D 59 12.24 7.98 28.85
C TRP D 59 11.49 6.70 29.22
N VAL D 60 12.19 5.78 29.86
CA VAL D 60 11.66 4.47 30.25
C VAL D 60 12.37 4.03 31.52
N ARG D 61 11.60 3.61 32.51
CA ARG D 61 12.16 3.14 33.78
C ARG D 61 11.85 1.66 33.96
N GLN D 62 12.80 0.95 34.58
CA GLN D 62 12.69 -0.48 34.85
C GLN D 62 12.82 -0.70 36.35
N ALA D 63 11.73 -1.07 36.99
CA ALA D 63 11.74 -1.35 38.41
C ALA D 63 12.58 -2.58 38.69
N PRO D 64 13.64 -2.49 39.51
CA PRO D 64 14.45 -3.68 39.82
C PRO D 64 13.60 -4.79 40.41
N GLY D 65 13.49 -5.89 39.69
CA GLY D 65 12.57 -6.96 40.02
C GLY D 65 11.31 -6.98 39.20
N LYS D 66 11.20 -6.14 38.18
CA LYS D 66 10.00 -6.07 37.35
C LYS D 66 10.40 -5.79 35.91
N GLY D 67 9.47 -6.02 34.99
CA GLY D 67 9.70 -5.74 33.60
C GLY D 67 9.71 -4.25 33.32
N LEU D 68 10.06 -3.92 32.08
CA LEU D 68 10.16 -2.52 31.69
C LEU D 68 8.78 -1.86 31.70
N GLU D 69 8.77 -0.58 32.04
CA GLU D 69 7.53 0.19 32.08
C GLU D 69 7.66 1.44 31.23
N TRP D 70 6.68 2.34 31.30
CA TRP D 70 6.73 3.57 30.52
C TRP D 70 6.46 4.74 31.46
N VAL D 71 7.16 5.84 31.23
CA VAL D 71 7.05 7.01 32.10
C VAL D 71 6.67 8.25 31.32
N SER D 72 7.37 8.54 30.23
CA SER D 72 7.15 9.78 29.51
C SER D 72 7.32 9.55 28.02
N ASP D 73 7.17 10.64 27.26
CA ASP D 73 7.61 10.73 25.88
C ASP D 73 7.68 12.21 25.53
N ILE D 74 7.86 12.50 24.25
CA ILE D 74 7.79 13.88 23.75
C ILE D 74 7.73 13.83 22.24
N SER D 75 7.08 14.82 21.63
CA SER D 75 7.14 14.93 20.18
C SER D 75 8.51 15.46 19.77
N GLN D 76 8.68 15.67 18.47
CA GLN D 76 9.96 16.13 17.94
C GLN D 76 10.06 17.65 17.89
N SER D 77 9.19 18.36 18.60
CA SER D 77 9.33 19.81 18.73
C SER D 77 8.98 20.29 20.14
N GLY D 78 8.99 19.40 21.12
CA GLY D 78 8.53 19.76 22.46
C GLY D 78 7.06 20.07 22.55
N ALA D 79 6.28 19.77 21.51
CA ALA D 79 4.88 20.17 21.48
C ALA D 79 3.99 19.20 22.25
N SER D 80 3.94 17.94 21.80
CA SER D 80 2.95 16.99 22.30
C SER D 80 3.58 16.13 23.39
N ILE D 81 3.74 16.72 24.57
CA ILE D 81 4.20 15.97 25.74
C ILE D 81 3.08 15.07 26.23
N SER D 82 3.43 13.86 26.64
CA SER D 82 2.51 12.93 27.27
C SER D 82 3.15 12.39 28.54
N TYR D 83 2.40 11.55 29.26
CA TYR D 83 2.92 10.91 30.46
C TYR D 83 2.17 9.61 30.67
N THR D 84 2.59 8.87 31.69
CA THR D 84 1.85 7.69 32.14
C THR D 84 0.71 8.16 33.03
N GLY D 85 0.07 7.23 33.74
CA GLY D 85 -1.03 7.59 34.61
C GLY D 85 -0.59 8.24 35.90
N SER D 86 0.15 7.51 36.73
CA SER D 86 0.51 7.97 38.06
C SER D 86 1.72 8.88 38.07
N VAL D 87 2.13 9.44 36.93
CA VAL D 87 3.24 10.38 36.89
C VAL D 87 2.80 11.66 36.19
N LYS D 88 1.50 11.95 36.23
CA LYS D 88 0.98 13.17 35.63
C LYS D 88 1.26 14.35 36.57
N GLY D 89 1.71 15.46 36.00
CA GLY D 89 1.90 16.68 36.76
C GLY D 89 3.19 16.76 37.55
N ARG D 90 3.58 15.64 38.17
CA ARG D 90 4.78 15.64 39.00
C ARG D 90 6.02 16.00 38.18
N PHE D 91 6.35 15.19 37.19
CA PHE D 91 7.57 15.39 36.42
C PHE D 91 7.35 16.44 35.34
N THR D 92 8.39 16.67 34.54
CA THR D 92 8.29 17.55 33.38
C THR D 92 9.43 17.23 32.44
N ILE D 93 9.12 16.74 31.25
CA ILE D 93 10.11 16.40 30.24
C ILE D 93 10.21 17.55 29.26
N SER D 94 11.42 17.77 28.73
CA SER D 94 11.64 18.85 27.78
C SER D 94 12.92 18.56 27.01
N ARG D 95 12.83 18.54 25.69
CA ARG D 95 14.00 18.33 24.84
C ARG D 95 14.81 19.62 24.73
N ASP D 96 15.85 19.56 23.91
CA ASP D 96 16.62 20.75 23.54
C ASP D 96 17.24 20.46 22.18
N ASN D 97 16.64 21.01 21.13
CA ASN D 97 16.98 20.67 19.76
C ASN D 97 18.24 21.38 19.26
N ALA D 98 19.03 21.96 20.16
CA ALA D 98 20.27 22.63 19.76
C ALA D 98 21.45 22.07 20.53
N LYS D 99 21.25 21.73 21.79
CA LYS D 99 22.31 21.18 22.63
C LYS D 99 22.33 19.66 22.64
N ASN D 100 21.36 19.02 21.97
CA ASN D 100 21.27 17.56 21.88
C ASN D 100 21.20 16.92 23.27
N THR D 101 20.14 17.24 23.98
CA THR D 101 19.90 16.71 25.32
C THR D 101 18.41 16.45 25.50
N LEU D 102 18.09 15.70 26.56
CA LEU D 102 16.70 15.46 26.95
C LEU D 102 16.64 15.42 28.47
N TYR D 103 15.93 16.37 29.07
CA TYR D 103 15.91 16.57 30.52
C TYR D 103 14.56 16.15 31.07
N LEU D 104 14.58 15.24 32.05
CA LEU D 104 13.38 14.77 32.72
C LEU D 104 13.43 15.26 34.16
N GLN D 105 12.90 16.45 34.39
CA GLN D 105 12.88 17.03 35.73
C GLN D 105 11.88 16.30 36.60
N MET D 106 12.36 15.72 37.70
CA MET D 106 11.55 14.92 38.60
C MET D 106 11.26 15.73 39.86
N ASN D 107 10.01 15.69 40.30
CA ASN D 107 9.57 16.41 41.49
C ASN D 107 8.67 15.51 42.31
N SER D 108 8.78 15.62 43.64
CA SER D 108 7.85 14.98 44.58
C SER D 108 7.81 13.47 44.36
N LEU D 109 8.94 12.83 44.67
CA LEU D 109 9.08 11.39 44.47
C LEU D 109 8.19 10.63 45.44
N LYS D 110 8.26 9.30 45.37
CA LYS D 110 7.37 8.43 46.12
C LYS D 110 8.15 7.18 46.49
N PRO D 111 7.58 6.32 47.34
CA PRO D 111 8.29 5.06 47.66
C PRO D 111 8.46 4.15 46.47
N GLU D 112 7.54 4.16 45.51
CA GLU D 112 7.56 3.26 44.37
C GLU D 112 8.13 3.91 43.12
N ASP D 113 9.11 4.81 43.27
CA ASP D 113 9.76 5.45 42.14
C ASP D 113 11.25 5.17 42.13
N THR D 114 11.63 3.94 42.49
CA THR D 114 13.00 3.48 42.44
C THR D 114 13.17 2.55 41.24
N ALA D 115 14.03 2.92 40.31
CA ALA D 115 14.20 2.16 39.08
C ALA D 115 15.39 2.69 38.31
N VAL D 116 15.87 1.88 37.37
CA VAL D 116 16.87 2.31 36.41
C VAL D 116 16.17 3.05 35.28
N TYR D 117 16.71 4.20 34.89
CA TYR D 117 16.03 5.10 33.95
C TYR D 117 16.82 5.17 32.66
N TYR D 118 16.26 4.61 31.59
CA TYR D 118 16.88 4.58 30.27
C TYR D 118 16.38 5.74 29.43
N CYS D 119 17.26 6.31 28.61
CA CYS D 119 16.89 7.39 27.70
C CYS D 119 16.65 6.78 26.32
N ALA D 120 15.50 6.14 26.17
CA ALA D 120 15.18 5.41 24.95
C ALA D 120 14.94 6.36 23.79
N ARG D 121 14.61 5.79 22.65
CA ARG D 121 14.33 6.56 21.45
C ARG D 121 13.24 5.83 20.66
N CYS D 122 12.98 6.26 19.44
CA CYS D 122 12.07 5.58 18.55
C CYS D 122 12.76 5.29 17.23
N PRO D 123 12.38 4.21 16.55
CA PRO D 123 13.19 3.75 15.41
C PRO D 123 13.25 4.71 14.24
N ALA D 124 12.12 5.22 13.78
CA ALA D 124 12.18 5.85 12.47
C ALA D 124 12.18 7.37 12.56
N PRO D 125 12.85 8.04 11.63
CA PRO D 125 12.73 9.49 11.52
C PRO D 125 11.34 9.90 11.07
N PHE D 126 10.91 11.08 11.53
CA PHE D 126 9.67 11.71 11.08
C PHE D 126 8.48 10.81 11.35
N THR D 127 8.45 10.22 12.55
CA THR D 127 7.48 9.21 12.90
C THR D 127 6.38 9.78 13.78
N ARG D 128 5.35 8.96 13.99
CA ARG D 128 4.31 9.25 14.97
C ARG D 128 3.95 8.00 15.77
N ASP D 129 4.94 7.15 16.03
CA ASP D 129 4.72 5.86 16.67
C ASP D 129 6.02 5.40 17.31
N CYS D 130 5.89 4.45 18.23
CA CYS D 130 7.04 3.92 18.96
C CYS D 130 6.86 2.43 19.20
N PHE D 131 7.94 1.68 19.07
CA PHE D 131 7.97 0.24 19.32
C PHE D 131 9.19 -0.13 20.15
N ASP D 132 9.43 0.62 21.24
CA ASP D 132 10.73 0.63 21.90
C ASP D 132 10.77 -0.01 23.28
N VAL D 133 9.66 -0.06 24.01
CA VAL D 133 9.70 -0.67 25.33
C VAL D 133 9.66 -2.19 25.18
N THR D 134 10.83 -2.80 25.08
CA THR D 134 10.97 -4.21 24.76
C THR D 134 11.75 -4.91 25.87
N SER D 135 11.60 -6.24 25.92
CA SER D 135 12.25 -7.01 26.97
C SER D 135 13.76 -6.87 26.92
N THR D 136 14.33 -6.86 25.72
CA THR D 136 15.78 -6.71 25.53
C THR D 136 16.02 -6.43 24.05
N THR D 137 17.30 -6.39 23.68
CA THR D 137 17.72 -6.30 22.28
C THR D 137 17.15 -5.05 21.60
N TYR D 138 17.59 -3.89 22.07
CA TYR D 138 17.26 -2.62 21.46
C TYR D 138 18.55 -1.81 21.40
N ALA D 139 18.82 -1.21 20.25
CA ALA D 139 20.11 -0.58 20.01
C ALA D 139 20.09 0.93 20.05
N TYR D 140 19.01 1.55 20.55
CA TYR D 140 18.94 2.98 20.73
C TYR D 140 18.51 3.32 22.16
N ARG D 141 18.92 2.51 23.12
CA ARG D 141 18.46 2.60 24.50
C ARG D 141 19.67 2.52 25.42
N GLY D 142 20.05 3.67 25.99
CA GLY D 142 21.28 3.79 26.74
C GLY D 142 21.43 2.89 27.96
N GLN D 143 22.57 3.01 28.64
CA GLN D 143 22.85 2.16 29.79
C GLN D 143 21.86 2.41 30.91
N GLY D 144 21.63 3.67 31.25
CA GLY D 144 20.62 4.02 32.23
C GLY D 144 21.15 4.17 33.65
N THR D 145 21.05 5.38 34.20
CA THR D 145 21.43 5.60 35.58
C THR D 145 20.40 4.99 36.52
N GLN D 146 20.71 5.01 37.81
CA GLN D 146 19.83 4.49 38.84
C GLN D 146 19.34 5.62 39.72
N VAL D 147 18.04 5.61 40.04
CA VAL D 147 17.42 6.57 40.93
C VAL D 147 16.52 5.80 41.89
N THR D 148 16.73 6.00 43.19
CA THR D 148 15.99 5.30 44.22
C THR D 148 15.47 6.29 45.25
N VAL D 149 14.75 5.77 46.24
CA VAL D 149 14.20 6.58 47.32
C VAL D 149 14.46 5.87 48.64
N SER D 150 14.73 6.65 49.68
CA SER D 150 15.01 6.11 51.00
C SER D 150 13.80 6.26 51.91
N GLU E 54 -28.76 41.24 -36.81
CA GLU E 54 -29.41 39.98 -36.49
C GLU E 54 -28.73 39.30 -35.30
N VAL E 55 -29.55 38.79 -34.37
CA VAL E 55 -29.02 38.13 -33.19
C VAL E 55 -29.61 36.73 -33.08
N TRP E 56 -30.77 36.51 -33.69
CA TRP E 56 -31.38 35.18 -33.67
C TRP E 56 -30.64 34.19 -34.56
N VAL E 57 -29.59 34.63 -35.26
CA VAL E 57 -28.72 33.76 -36.03
C VAL E 57 -27.27 33.90 -35.60
N VAL E 58 -27.01 34.66 -34.54
CA VAL E 58 -25.66 34.83 -34.02
C VAL E 58 -25.54 34.43 -32.56
N GLY E 59 -26.64 34.33 -31.82
CA GLY E 59 -26.59 33.82 -30.47
C GLY E 59 -26.48 32.32 -30.47
N MET E 60 -27.38 31.66 -31.21
CA MET E 60 -27.39 30.21 -31.33
C MET E 60 -26.17 29.68 -32.08
N GLY E 61 -25.25 30.54 -32.49
CA GLY E 61 -23.97 30.10 -32.99
C GLY E 61 -22.90 29.99 -31.94
N ILE E 62 -23.16 30.52 -30.74
CA ILE E 62 -22.24 30.44 -29.62
C ILE E 62 -22.83 29.66 -28.46
N VAL E 63 -24.11 29.87 -28.15
CA VAL E 63 -24.73 29.16 -27.04
C VAL E 63 -24.85 27.68 -27.36
N MET E 64 -25.12 27.35 -28.62
CA MET E 64 -25.17 25.97 -29.08
C MET E 64 -23.83 25.50 -29.64
N SER E 65 -22.75 26.17 -29.29
CA SER E 65 -21.39 25.71 -29.57
C SER E 65 -20.55 25.54 -28.32
N LEU E 66 -20.78 26.37 -27.30
CA LEU E 66 -20.15 26.12 -26.01
C LEU E 66 -20.59 24.78 -25.43
N ILE E 67 -21.85 24.41 -25.66
CA ILE E 67 -22.32 23.09 -25.24
C ILE E 67 -21.55 22.00 -25.98
N VAL E 68 -21.33 22.19 -27.28
CA VAL E 68 -20.57 21.22 -28.06
C VAL E 68 -19.16 21.08 -27.51
N LEU E 69 -18.50 22.21 -27.26
CA LEU E 69 -17.16 22.19 -26.69
C LEU E 69 -17.15 21.47 -25.35
N ALA E 70 -18.15 21.73 -24.50
CA ALA E 70 -18.20 21.10 -23.19
C ALA E 70 -18.35 19.59 -23.32
N ILE E 71 -19.28 19.14 -24.17
CA ILE E 71 -19.47 17.70 -24.37
C ILE E 71 -18.19 17.04 -24.86
N VAL E 72 -17.56 17.64 -25.88
CA VAL E 72 -16.42 16.98 -26.51
C VAL E 72 -15.16 17.08 -25.65
N PHE E 73 -15.07 18.06 -24.76
CA PHE E 73 -13.86 18.25 -23.98
C PHE E 73 -13.94 17.68 -22.57
N GLY E 74 -15.13 17.54 -21.99
CA GLY E 74 -15.22 16.97 -20.67
C GLY E 74 -15.12 15.46 -20.63
N ASN E 75 -15.08 14.80 -21.79
CA ASN E 75 -15.04 13.35 -21.84
C ASN E 75 -13.79 12.79 -22.49
N VAL E 76 -13.05 13.58 -23.27
CA VAL E 76 -11.71 13.14 -23.62
C VAL E 76 -10.89 12.96 -22.36
N LEU E 77 -11.15 13.77 -21.33
CA LEU E 77 -10.46 13.68 -20.05
C LEU E 77 -10.93 12.51 -19.20
N VAL E 78 -12.00 11.82 -19.61
CA VAL E 78 -12.40 10.59 -18.95
C VAL E 78 -12.07 9.36 -19.79
N ILE E 79 -11.87 9.52 -21.09
CA ILE E 79 -11.42 8.39 -21.90
C ILE E 79 -9.93 8.20 -21.80
N THR E 80 -9.15 9.28 -21.94
CA THR E 80 -7.70 9.15 -21.85
C THR E 80 -7.25 8.83 -20.43
N ALA E 81 -7.81 9.51 -19.43
CA ALA E 81 -7.41 9.26 -18.05
C ALA E 81 -7.85 7.90 -17.53
N ILE E 82 -8.45 7.07 -18.37
CA ILE E 82 -8.69 5.67 -18.05
C ILE E 82 -7.88 4.75 -18.97
N ALA E 83 -7.84 5.04 -20.26
CA ALA E 83 -7.06 4.22 -21.18
C ALA E 83 -5.56 4.42 -21.00
N LYS E 84 -5.13 5.32 -20.12
CA LYS E 84 -3.71 5.64 -19.99
C LYS E 84 -3.08 5.11 -18.71
N PHE E 85 -3.80 5.06 -17.59
CA PHE E 85 -3.16 5.04 -16.29
C PHE E 85 -3.04 3.65 -15.66
N GLU E 86 -3.62 2.62 -16.26
CA GLU E 86 -3.28 1.23 -15.92
C GLU E 86 -3.66 0.87 -14.49
N ARG E 87 -4.21 1.81 -13.73
CA ARG E 87 -4.67 1.53 -12.37
C ARG E 87 -6.13 1.88 -12.16
N LEU E 88 -6.78 2.52 -13.13
CA LEU E 88 -8.22 2.77 -13.08
C LEU E 88 -9.02 1.69 -13.79
N GLN E 89 -8.39 0.88 -14.63
CA GLN E 89 -9.15 -0.06 -15.45
C GLN E 89 -9.74 -1.15 -14.59
N THR E 90 -10.69 -0.78 -13.74
CA THR E 90 -11.31 -1.68 -12.79
C THR E 90 -12.75 -1.95 -13.22
N VAL E 91 -13.44 -2.80 -12.45
CA VAL E 91 -14.78 -3.23 -12.83
C VAL E 91 -15.76 -2.06 -12.79
N THR E 92 -15.59 -1.14 -11.84
CA THR E 92 -16.46 0.04 -11.75
C THR E 92 -15.78 1.28 -12.29
N ASN E 93 -14.83 1.11 -13.22
CA ASN E 93 -14.40 2.20 -14.07
C ASN E 93 -14.34 1.78 -15.53
N TYR E 94 -14.79 0.57 -15.85
CA TYR E 94 -15.22 0.29 -17.22
C TYR E 94 -16.62 0.83 -17.50
N PHE E 95 -17.52 0.77 -16.52
CA PHE E 95 -18.84 1.38 -16.66
C PHE E 95 -18.74 2.85 -17.04
N ILE E 96 -17.91 3.61 -16.32
CA ILE E 96 -17.80 5.03 -16.58
C ILE E 96 -17.18 5.31 -17.96
N THR E 97 -16.39 4.38 -18.50
CA THR E 97 -15.94 4.56 -19.88
C THR E 97 -17.07 4.28 -20.86
N SER E 98 -17.92 3.30 -20.56
CA SER E 98 -19.14 3.12 -21.32
C SER E 98 -20.05 4.33 -21.24
N LEU E 99 -19.90 5.13 -20.18
CA LEU E 99 -20.68 6.35 -20.01
C LEU E 99 -20.03 7.56 -20.68
N ALA E 100 -18.72 7.52 -20.86
CA ALA E 100 -18.04 8.63 -21.54
C ALA E 100 -18.07 8.46 -23.05
N VAL E 101 -18.08 7.23 -23.56
CA VAL E 101 -18.20 7.06 -25.00
C VAL E 101 -19.63 7.37 -25.45
N ALA E 102 -20.62 7.01 -24.61
CA ALA E 102 -22.03 7.22 -24.90
C ALA E 102 -22.46 8.66 -24.71
N ASP E 103 -21.52 9.58 -24.53
CA ASP E 103 -21.78 11.00 -24.73
C ASP E 103 -20.74 11.66 -25.62
N LEU E 104 -19.54 11.09 -25.76
CA LEU E 104 -18.65 11.54 -26.83
C LEU E 104 -19.34 11.41 -28.18
N VAL E 105 -20.04 10.29 -28.40
CA VAL E 105 -20.81 10.16 -29.64
C VAL E 105 -21.94 11.19 -29.67
N MET E 106 -22.63 11.37 -28.54
CA MET E 106 -23.73 12.32 -28.46
C MET E 106 -23.29 13.72 -28.87
N GLY E 107 -22.07 14.10 -28.53
CA GLY E 107 -21.60 15.44 -28.78
C GLY E 107 -20.74 15.58 -30.01
N LEU E 108 -20.37 14.45 -30.63
CA LEU E 108 -19.62 14.51 -31.86
C LEU E 108 -20.47 14.31 -33.10
N ALA E 109 -21.52 13.49 -33.02
CA ALA E 109 -22.36 13.19 -34.17
C ALA E 109 -23.71 13.88 -34.14
N VAL E 110 -24.37 13.93 -32.99
CA VAL E 110 -25.75 14.41 -32.94
C VAL E 110 -25.79 15.93 -32.81
N VAL E 111 -25.21 16.46 -31.74
CA VAL E 111 -25.43 17.86 -31.39
C VAL E 111 -24.92 18.83 -32.45
N PRO E 112 -23.69 18.68 -32.97
CA PRO E 112 -23.28 19.59 -34.06
C PRO E 112 -24.17 19.53 -35.27
N PHE E 113 -24.88 18.43 -35.49
CA PHE E 113 -25.85 18.34 -36.58
C PHE E 113 -27.20 18.90 -36.17
N GLY E 114 -27.66 18.58 -34.96
CA GLY E 114 -28.91 19.10 -34.45
C GLY E 114 -28.85 20.56 -34.08
N ALA E 115 -27.71 21.20 -34.33
CA ALA E 115 -27.59 22.65 -34.21
C ALA E 115 -27.63 23.35 -35.57
N ALA E 116 -26.93 22.81 -36.56
CA ALA E 116 -27.08 23.33 -37.93
C ALA E 116 -28.47 23.06 -38.46
N HIS E 117 -29.15 22.02 -37.95
CA HIS E 117 -30.54 21.80 -38.34
C HIS E 117 -31.45 22.88 -37.78
N ILE E 118 -31.06 23.53 -36.69
CA ILE E 118 -31.81 24.66 -36.19
C ILE E 118 -31.45 25.93 -36.96
N LEU E 119 -30.16 26.10 -37.26
CA LEU E 119 -29.73 27.29 -38.00
C LEU E 119 -30.36 27.33 -39.38
N THR E 120 -30.33 26.21 -40.10
CA THR E 120 -30.87 26.17 -41.45
C THR E 120 -32.38 25.96 -41.47
N LYS E 121 -32.91 25.31 -40.44
CA LYS E 121 -34.32 24.95 -40.29
C LYS E 121 -34.76 23.87 -41.28
N THR E 122 -33.83 23.26 -42.01
CA THR E 122 -34.16 22.20 -42.95
C THR E 122 -32.93 21.35 -43.19
N TRP E 123 -33.13 20.05 -43.37
CA TRP E 123 -32.02 19.13 -43.56
C TRP E 123 -31.25 19.48 -44.84
N THR E 124 -29.97 19.10 -44.85
CA THR E 124 -29.09 19.33 -45.99
C THR E 124 -28.50 18.05 -46.55
N PHE E 125 -28.14 17.10 -45.70
CA PHE E 125 -27.48 15.88 -46.17
C PHE E 125 -28.41 15.04 -47.04
N GLY E 126 -29.64 14.83 -46.60
CA GLY E 126 -30.58 14.06 -47.38
C GLY E 126 -31.51 13.20 -46.57
N ASN E 127 -31.66 11.94 -46.96
CA ASN E 127 -32.52 11.00 -46.25
C ASN E 127 -31.78 9.76 -45.75
N PHE E 128 -30.83 9.25 -46.53
CA PHE E 128 -29.98 8.17 -46.06
C PHE E 128 -29.09 8.60 -44.90
N TRP E 129 -29.11 9.88 -44.54
CA TRP E 129 -28.46 10.39 -43.34
C TRP E 129 -29.44 10.88 -42.28
N CYS E 130 -30.57 11.45 -42.69
CA CYS E 130 -31.58 11.89 -41.74
C CYS E 130 -32.43 10.75 -41.20
N GLU E 131 -32.28 9.54 -41.76
CA GLU E 131 -32.88 8.35 -41.17
C GLU E 131 -31.88 7.57 -40.31
N PHE E 132 -30.60 7.90 -40.40
CA PHE E 132 -29.56 7.33 -39.56
C PHE E 132 -29.23 8.21 -38.36
N TRP E 133 -29.36 9.53 -38.51
CA TRP E 133 -29.13 10.45 -37.41
C TRP E 133 -30.22 10.33 -36.35
N THR E 134 -31.48 10.29 -36.77
CA THR E 134 -32.58 10.08 -35.84
C THR E 134 -32.47 8.72 -35.16
N SER E 135 -31.81 7.76 -35.80
CA SER E 135 -31.64 6.44 -35.22
C SER E 135 -30.40 6.33 -34.34
N ILE E 136 -29.43 7.21 -34.52
CA ILE E 136 -28.28 7.23 -33.62
C ILE E 136 -28.59 8.03 -32.36
N ASP E 137 -29.46 9.04 -32.45
CA ASP E 137 -29.72 9.88 -31.28
C ASP E 137 -30.50 9.12 -30.21
N VAL E 138 -31.61 8.48 -30.62
CA VAL E 138 -32.42 7.74 -29.66
C VAL E 138 -31.68 6.50 -29.16
N LEU E 139 -30.60 6.11 -29.83
CA LEU E 139 -29.73 5.06 -29.29
C LEU E 139 -28.80 5.63 -28.24
N CYS E 140 -28.18 6.78 -28.54
CA CYS E 140 -27.24 7.39 -27.61
C CYS E 140 -27.92 7.71 -26.28
N VAL E 141 -29.15 8.23 -26.33
CA VAL E 141 -29.85 8.62 -25.11
C VAL E 141 -30.15 7.39 -24.26
N THR E 142 -30.68 6.34 -24.87
CA THR E 142 -31.03 5.14 -24.11
C THR E 142 -29.78 4.49 -23.53
N ALA E 143 -28.68 4.49 -24.28
CA ALA E 143 -27.43 3.96 -23.74
C ALA E 143 -26.95 4.78 -22.55
N SER E 144 -26.96 6.11 -22.68
CA SER E 144 -26.46 6.97 -21.61
C SER E 144 -27.42 7.08 -20.44
N ILE E 145 -28.60 6.48 -20.50
CA ILE E 145 -29.43 6.32 -19.32
C ILE E 145 -29.29 4.93 -18.71
N TRP E 146 -29.19 3.90 -19.53
CA TRP E 146 -29.03 2.57 -18.96
C TRP E 146 -27.65 2.38 -18.35
N THR E 147 -26.64 3.13 -18.78
CA THR E 147 -25.38 3.11 -18.06
C THR E 147 -25.57 3.64 -16.64
N LEU E 148 -26.36 4.70 -16.48
CA LEU E 148 -26.67 5.20 -15.14
C LEU E 148 -27.43 4.17 -14.32
N VAL E 149 -28.36 3.44 -14.94
CA VAL E 149 -29.10 2.45 -14.16
C VAL E 149 -28.20 1.27 -13.76
N VAL E 150 -27.25 0.87 -14.60
CA VAL E 150 -26.39 -0.25 -14.21
C VAL E 150 -25.39 0.19 -13.14
N ILE E 151 -24.88 1.42 -13.23
CA ILE E 151 -24.04 1.93 -12.14
C ILE E 151 -24.82 1.99 -10.84
N ALA E 152 -26.10 2.36 -10.91
CA ALA E 152 -26.90 2.45 -9.70
C ALA E 152 -27.14 1.09 -9.08
N VAL E 153 -27.47 0.09 -9.91
CA VAL E 153 -27.63 -1.26 -9.36
C VAL E 153 -26.31 -1.79 -8.84
N ASP E 154 -25.20 -1.42 -9.48
CA ASP E 154 -23.88 -1.79 -8.99
C ASP E 154 -23.67 -1.30 -7.57
N ARG E 155 -23.77 0.02 -7.37
CA ARG E 155 -23.60 0.58 -6.04
C ARG E 155 -24.57 -0.05 -5.04
N TYR E 156 -25.83 -0.23 -5.44
CA TYR E 156 -26.80 -0.81 -4.53
C TYR E 156 -26.36 -2.18 -4.03
N PHE E 157 -25.88 -3.03 -4.95
CA PHE E 157 -25.44 -4.36 -4.53
C PHE E 157 -24.16 -4.28 -3.71
N ALA E 158 -23.26 -3.38 -4.08
CA ALA E 158 -22.00 -3.25 -3.35
C ALA E 158 -22.19 -2.73 -1.94
N ILE E 159 -23.35 -2.15 -1.64
CA ILE E 159 -23.61 -1.64 -0.29
C ILE E 159 -24.61 -2.50 0.49
N THR E 160 -25.51 -3.22 -0.17
CA THR E 160 -26.42 -4.09 0.58
C THR E 160 -26.06 -5.56 0.49
N SER E 161 -24.92 -5.90 -0.09
CA SER E 161 -24.42 -7.27 -0.05
C SER E 161 -22.90 -7.25 -0.09
N PRO E 162 -22.25 -6.65 0.90
CA PRO E 162 -20.84 -6.27 0.73
C PRO E 162 -19.90 -7.45 0.58
N PHE E 163 -20.28 -8.63 1.08
CA PHE E 163 -19.41 -9.79 0.97
C PHE E 163 -19.39 -10.40 -0.42
N LYS E 164 -20.31 -10.00 -1.29
CA LYS E 164 -20.49 -10.68 -2.56
C LYS E 164 -20.25 -9.81 -3.79
N TYR E 165 -20.17 -8.48 -3.63
CA TYR E 165 -19.98 -7.65 -4.81
C TYR E 165 -18.56 -7.74 -5.34
N GLN E 166 -17.57 -7.98 -4.48
CA GLN E 166 -16.20 -8.11 -4.94
C GLN E 166 -15.90 -9.49 -5.52
N SER E 167 -16.68 -10.50 -5.13
CA SER E 167 -16.45 -11.88 -5.56
C SER E 167 -17.31 -12.26 -6.76
N LEU E 168 -18.62 -12.03 -6.70
CA LEU E 168 -19.55 -12.50 -7.71
C LEU E 168 -19.82 -11.47 -8.80
N LEU E 169 -18.85 -10.59 -9.07
CA LEU E 169 -18.97 -9.63 -10.17
C LEU E 169 -17.56 -9.31 -10.63
N THR E 170 -17.13 -9.96 -11.71
CA THR E 170 -15.74 -10.02 -12.13
C THR E 170 -15.52 -9.23 -13.42
N LYS E 171 -14.24 -9.07 -13.76
CA LYS E 171 -13.88 -8.30 -14.95
C LYS E 171 -14.38 -8.96 -16.21
N ASN E 172 -14.54 -10.28 -16.22
CA ASN E 172 -15.11 -11.00 -17.35
C ASN E 172 -16.63 -11.01 -17.31
N LYS E 173 -17.23 -10.53 -16.23
CA LYS E 173 -18.69 -10.42 -16.10
C LYS E 173 -19.17 -8.98 -16.20
N ALA E 174 -18.26 -8.02 -16.29
CA ALA E 174 -18.62 -6.63 -16.56
C ALA E 174 -18.40 -6.28 -18.03
N ARG E 175 -18.58 -7.24 -18.93
CA ARG E 175 -18.61 -6.96 -20.36
C ARG E 175 -19.87 -7.55 -20.96
N VAL E 176 -20.34 -8.67 -20.40
CA VAL E 176 -21.68 -9.15 -20.71
C VAL E 176 -22.71 -8.06 -20.41
N ILE E 177 -22.55 -7.39 -19.26
CA ILE E 177 -23.50 -6.35 -18.88
C ILE E 177 -23.49 -5.21 -19.89
N ILE E 178 -22.30 -4.74 -20.26
CA ILE E 178 -22.21 -3.56 -21.12
C ILE E 178 -22.65 -3.89 -22.54
N LEU E 179 -22.28 -5.06 -23.06
CA LEU E 179 -22.75 -5.44 -24.38
C LEU E 179 -24.12 -6.09 -24.36
N MET E 180 -24.79 -6.08 -23.21
CA MET E 180 -26.23 -6.27 -23.15
C MET E 180 -26.98 -4.96 -23.06
N VAL E 181 -26.38 -3.94 -22.45
CA VAL E 181 -26.98 -2.62 -22.43
C VAL E 181 -26.92 -1.98 -23.81
N TRP E 182 -25.78 -2.10 -24.50
CA TRP E 182 -25.75 -1.58 -25.86
C TRP E 182 -26.50 -2.45 -26.85
N ILE E 183 -27.23 -3.45 -26.36
CA ILE E 183 -28.15 -4.22 -27.17
C ILE E 183 -29.60 -3.91 -26.82
N VAL E 184 -29.90 -3.73 -25.53
CA VAL E 184 -31.20 -3.23 -25.13
C VAL E 184 -31.41 -1.80 -25.61
N SER E 185 -30.33 -1.09 -25.94
CA SER E 185 -30.49 0.22 -26.56
C SER E 185 -30.67 0.11 -28.06
N GLY E 186 -29.89 -0.75 -28.72
CA GLY E 186 -30.02 -0.90 -30.16
C GLY E 186 -31.35 -1.50 -30.57
N LEU E 187 -31.70 -2.64 -29.98
CA LEU E 187 -32.93 -3.36 -30.32
C LEU E 187 -34.18 -2.49 -30.15
N THR E 188 -34.10 -1.40 -29.41
CA THR E 188 -35.25 -0.52 -29.23
C THR E 188 -35.04 0.88 -29.80
N SER E 189 -33.88 1.17 -30.38
CA SER E 189 -33.72 2.49 -30.97
C SER E 189 -33.02 2.51 -32.33
N PHE E 190 -32.74 1.38 -32.93
CA PHE E 190 -32.07 1.37 -34.22
C PHE E 190 -32.78 0.51 -35.25
N LEU E 191 -33.29 -0.64 -34.84
CA LEU E 191 -34.03 -1.53 -35.72
C LEU E 191 -35.47 -1.08 -35.92
N PRO E 192 -36.20 -0.65 -34.87
CA PRO E 192 -37.56 -0.14 -35.10
C PRO E 192 -37.61 1.13 -35.93
N ILE E 193 -36.45 1.63 -36.34
CA ILE E 193 -36.38 2.75 -37.26
C ILE E 193 -36.05 2.29 -38.68
N GLN E 194 -35.17 1.30 -38.81
CA GLN E 194 -34.90 0.73 -40.12
C GLN E 194 -36.11 -0.04 -40.65
N MET E 195 -36.64 -0.96 -39.84
CA MET E 195 -37.83 -1.73 -40.21
C MET E 195 -39.12 -0.90 -40.16
N HIS E 196 -38.99 0.41 -39.96
CA HIS E 196 -40.11 1.36 -40.04
C HIS E 196 -41.30 0.91 -39.22
N TRP E 197 -41.10 0.86 -37.91
CA TRP E 197 -42.20 0.68 -36.96
C TRP E 197 -42.56 1.99 -36.27
N TYR E 198 -42.10 3.13 -36.80
CA TYR E 198 -42.38 4.43 -36.21
C TYR E 198 -42.99 5.41 -37.22
N ARG E 199 -43.31 4.94 -38.42
CA ARG E 199 -43.67 5.84 -39.52
C ARG E 199 -44.85 6.76 -39.20
N ALA E 200 -45.55 6.53 -38.10
CA ALA E 200 -46.68 7.36 -37.67
C ALA E 200 -47.79 7.37 -38.73
N THR E 201 -48.31 6.18 -38.99
CA THR E 201 -49.40 6.00 -39.95
C THR E 201 -50.72 6.49 -39.35
N GLN E 203 -52.36 11.59 -39.58
CA GLN E 203 -51.30 11.43 -40.57
C GLN E 203 -51.09 12.72 -41.35
N GLU E 204 -50.21 13.58 -40.82
CA GLU E 204 -49.91 14.86 -41.46
C GLU E 204 -48.45 14.98 -41.89
N ALA E 205 -47.62 13.99 -41.61
CA ALA E 205 -46.23 14.00 -42.05
C ALA E 205 -46.08 13.64 -43.53
N ILE E 206 -47.15 13.12 -44.15
CA ILE E 206 -47.08 12.70 -45.56
C ILE E 206 -46.74 13.87 -46.47
N ASN E 207 -46.95 15.10 -46.03
CA ASN E 207 -46.71 16.25 -46.89
C ASN E 207 -45.22 16.46 -47.14
N CYS E 208 -44.41 16.44 -46.09
CA CYS E 208 -42.99 16.71 -46.24
C CYS E 208 -42.11 15.55 -45.79
N TYR E 209 -42.37 14.98 -44.62
CA TYR E 209 -41.42 14.06 -44.00
C TYR E 209 -41.07 12.90 -44.93
N ALA E 210 -42.07 12.09 -45.27
CA ALA E 210 -41.82 11.00 -46.20
C ALA E 210 -41.51 11.52 -47.61
N GLU E 211 -42.07 12.67 -47.97
CA GLU E 211 -41.93 13.18 -49.33
C GLU E 211 -40.49 13.51 -49.68
N GLU E 212 -39.92 14.53 -49.07
CA GLU E 212 -38.55 14.94 -49.38
C GLU E 212 -38.10 16.04 -48.42
N THR E 213 -36.84 15.95 -48.01
CA THR E 213 -36.09 17.01 -47.31
C THR E 213 -36.96 17.70 -46.26
N CYS E 214 -37.35 16.92 -45.25
CA CYS E 214 -38.11 17.46 -44.12
C CYS E 214 -37.61 16.72 -42.87
N CYS E 215 -36.66 17.33 -42.18
CA CYS E 215 -36.11 16.75 -40.96
C CYS E 215 -37.05 17.10 -39.81
N ASP E 216 -37.91 16.15 -39.46
CA ASP E 216 -38.91 16.39 -38.41
C ASP E 216 -39.33 15.05 -37.85
N PHE E 217 -39.26 14.91 -36.52
CA PHE E 217 -39.63 13.65 -35.88
C PHE E 217 -41.14 13.52 -35.81
N PHE E 218 -41.65 12.35 -36.19
CA PHE E 218 -43.09 12.06 -36.18
C PHE E 218 -43.26 10.59 -35.83
N THR E 219 -43.57 10.30 -34.57
CA THR E 219 -43.79 8.94 -34.12
C THR E 219 -45.29 8.68 -33.95
N ASN E 220 -45.63 7.46 -33.55
CA ASN E 220 -47.02 7.04 -33.43
C ASN E 220 -47.33 6.63 -32.00
N GLN E 221 -48.63 6.47 -31.74
CA GLN E 221 -49.15 6.17 -30.41
C GLN E 221 -48.77 4.78 -29.91
N ALA E 222 -48.00 4.02 -30.68
CA ALA E 222 -47.50 2.73 -30.23
C ALA E 222 -45.98 2.64 -30.16
N TYR E 223 -45.26 3.55 -30.80
CA TYR E 223 -43.81 3.61 -30.68
C TYR E 223 -43.35 4.68 -29.71
N ALA E 224 -43.96 5.87 -29.75
CA ALA E 224 -43.59 6.94 -28.82
C ALA E 224 -44.11 6.70 -27.42
N ILE E 225 -44.65 5.53 -27.14
CA ILE E 225 -45.03 5.11 -25.79
C ILE E 225 -44.14 4.00 -25.29
N ALA E 226 -43.93 2.97 -26.10
CA ALA E 226 -43.02 1.90 -25.75
C ALA E 226 -41.56 2.28 -25.97
N SER E 227 -41.30 3.50 -26.44
CA SER E 227 -39.95 4.06 -26.37
C SER E 227 -39.72 4.75 -25.04
N SER E 228 -40.71 5.49 -24.53
CA SER E 228 -40.57 6.14 -23.24
C SER E 228 -40.58 5.13 -22.10
N ILE E 229 -41.56 4.21 -22.11
CA ILE E 229 -41.66 3.21 -21.05
C ILE E 229 -40.44 2.28 -21.01
N VAL E 230 -39.58 2.34 -22.01
CA VAL E 230 -38.35 1.56 -22.00
C VAL E 230 -37.11 2.43 -21.80
N SER E 231 -37.15 3.70 -22.18
CA SER E 231 -35.97 4.55 -22.07
C SER E 231 -35.91 5.37 -20.79
N PHE E 232 -37.05 5.75 -20.21
CA PHE E 232 -37.01 6.61 -19.04
C PHE E 232 -37.95 6.23 -17.90
N TYR E 233 -38.79 5.22 -18.03
CA TYR E 233 -39.68 4.88 -16.93
C TYR E 233 -39.38 3.54 -16.29
N VAL E 234 -38.53 2.71 -16.90
CA VAL E 234 -37.86 1.65 -16.13
C VAL E 234 -36.65 2.21 -15.41
N PRO E 235 -35.75 2.96 -16.07
CA PRO E 235 -34.59 3.49 -15.34
C PRO E 235 -34.97 4.39 -14.19
N LEU E 236 -36.05 5.17 -14.33
CA LEU E 236 -36.44 6.05 -13.23
C LEU E 236 -36.87 5.26 -12.01
N VAL E 237 -37.77 4.30 -12.19
CA VAL E 237 -38.24 3.52 -11.04
C VAL E 237 -37.09 2.74 -10.43
N ILE E 238 -36.18 2.21 -11.27
CA ILE E 238 -35.10 1.40 -10.71
C ILE E 238 -34.10 2.28 -9.98
N MET E 239 -33.77 3.44 -10.53
CA MET E 239 -32.83 4.36 -9.89
C MET E 239 -33.50 5.24 -8.84
N VAL E 240 -34.76 5.00 -8.52
CA VAL E 240 -35.34 5.51 -7.29
C VAL E 240 -35.40 4.44 -6.21
N PHE E 241 -35.77 3.21 -6.57
CA PHE E 241 -35.74 2.15 -5.56
C PHE E 241 -34.32 1.78 -5.16
N VAL E 242 -33.33 2.04 -6.00
CA VAL E 242 -31.95 1.81 -5.60
C VAL E 242 -31.49 2.86 -4.60
N TYR E 243 -31.70 4.14 -4.91
CA TYR E 243 -31.18 5.18 -4.03
C TYR E 243 -31.98 5.31 -2.75
N SER E 244 -33.25 4.90 -2.71
CA SER E 244 -33.93 4.84 -1.42
C SER E 244 -33.24 3.84 -0.50
N ARG E 245 -32.90 2.66 -1.03
CA ARG E 245 -32.27 1.62 -0.23
C ARG E 245 -30.80 1.89 0.04
N VAL E 246 -30.18 2.79 -0.71
CA VAL E 246 -28.81 3.20 -0.39
C VAL E 246 -28.80 4.33 0.65
N PHE E 247 -29.75 5.25 0.59
CA PHE E 247 -29.84 6.26 1.63
C PHE E 247 -30.28 5.67 2.96
N GLN E 248 -31.13 4.64 2.93
CA GLN E 248 -31.51 4.01 4.19
C GLN E 248 -30.35 3.35 4.90
N GLU E 249 -29.24 3.10 4.22
CA GLU E 249 -28.03 2.58 4.85
C GLU E 249 -26.99 3.66 5.13
N ALA E 250 -26.91 4.69 4.29
CA ALA E 250 -26.08 5.84 4.61
C ALA E 250 -26.63 6.65 5.77
N LYS E 251 -27.88 6.42 6.16
CA LYS E 251 -28.46 7.01 7.36
C LYS E 251 -28.47 6.05 8.53
N ARG E 252 -27.81 4.90 8.38
CA ARG E 252 -27.59 3.98 9.49
C ARG E 252 -26.13 3.81 9.85
N GLN E 253 -25.23 3.83 8.86
CA GLN E 253 -23.80 3.88 9.16
C GLN E 253 -23.32 5.29 9.44
N LEU E 254 -24.23 6.25 9.61
CA LEU E 254 -23.94 7.55 10.19
C LEU E 254 -24.78 7.77 11.44
N GLN E 255 -25.46 6.73 11.90
CA GLN E 255 -26.13 6.70 13.19
C GLN E 255 -25.51 5.69 14.14
N LYS E 256 -24.89 4.63 13.63
CA LYS E 256 -24.11 3.74 14.46
C LYS E 256 -22.75 4.34 14.83
N ILE E 257 -22.26 5.30 14.05
CA ILE E 257 -21.05 6.02 14.43
C ILE E 257 -21.29 6.81 15.71
N ASP E 258 -22.31 7.65 15.71
CA ASP E 258 -22.62 8.53 16.83
C ASP E 258 -23.30 7.81 17.99
N LYS E 259 -23.31 6.48 17.98
CA LYS E 259 -23.70 5.71 19.15
C LYS E 259 -22.53 5.39 20.05
N SER E 260 -21.30 5.42 19.52
CA SER E 260 -20.09 5.19 20.29
C SER E 260 -19.13 6.37 20.26
N GLU E 261 -18.96 7.02 19.12
CA GLU E 261 -18.01 8.11 18.97
C GLU E 261 -18.75 9.39 18.64
N GLY E 262 -18.00 10.44 18.31
CA GLY E 262 -18.58 11.73 18.00
C GLY E 262 -18.21 12.78 19.02
N ARG E 263 -17.05 12.61 19.64
CA ARG E 263 -16.56 13.56 20.63
C ARG E 263 -15.08 13.82 20.42
N ALA E 274 -28.49 18.00 11.60
CA ALA E 274 -28.22 17.88 10.18
C ALA E 274 -26.90 18.56 9.80
N LEU E 275 -25.89 18.39 10.65
CA LEU E 275 -24.58 18.97 10.37
C LEU E 275 -23.84 18.17 9.31
N LYS E 276 -23.55 16.90 9.60
CA LYS E 276 -22.94 16.00 8.64
C LYS E 276 -23.85 14.88 8.18
N GLU E 277 -25.02 14.72 8.81
CA GLU E 277 -26.05 13.85 8.26
C GLU E 277 -26.68 14.41 6.99
N HIS E 278 -26.23 15.59 6.56
CA HIS E 278 -26.66 16.19 5.30
C HIS E 278 -25.53 16.22 4.28
N LYS E 279 -24.62 15.24 4.36
CA LYS E 279 -23.70 14.93 3.26
C LYS E 279 -24.16 13.73 2.46
N ALA E 280 -24.85 12.80 3.09
CA ALA E 280 -25.54 11.72 2.40
C ALA E 280 -26.79 12.19 1.71
N LEU E 281 -27.00 13.50 1.61
CA LEU E 281 -28.12 14.09 0.90
C LEU E 281 -27.69 15.04 -0.20
N LYS E 282 -26.61 15.80 0.01
CA LYS E 282 -26.13 16.67 -1.06
C LYS E 282 -25.57 15.87 -2.23
N THR E 283 -24.95 14.73 -1.96
CA THR E 283 -24.41 13.94 -3.06
C THR E 283 -25.53 13.16 -3.76
N LEU E 284 -26.50 12.65 -3.00
CA LEU E 284 -27.68 12.08 -3.65
C LEU E 284 -28.37 13.12 -4.52
N GLY E 285 -28.41 14.37 -4.06
CA GLY E 285 -28.89 15.45 -4.90
C GLY E 285 -28.09 15.54 -6.19
N ILE E 286 -26.81 15.87 -6.08
CA ILE E 286 -26.00 16.13 -7.27
C ILE E 286 -25.80 14.91 -8.15
N ILE E 287 -26.29 13.73 -7.74
CA ILE E 287 -26.21 12.54 -8.58
C ILE E 287 -27.57 12.18 -9.18
N MET E 288 -28.65 12.27 -8.41
CA MET E 288 -29.97 11.82 -8.83
C MET E 288 -30.87 12.94 -9.31
N GLY E 289 -30.85 14.09 -8.64
CA GLY E 289 -31.63 15.22 -9.12
C GLY E 289 -31.15 15.72 -10.46
N THR E 290 -29.84 15.93 -10.61
CA THR E 290 -29.31 16.42 -11.87
C THR E 290 -29.66 15.53 -13.06
N PHE E 291 -30.16 14.32 -12.81
CA PHE E 291 -30.61 13.41 -13.85
C PHE E 291 -32.13 13.43 -13.99
N THR E 292 -32.87 13.31 -12.89
CA THR E 292 -34.32 13.35 -12.96
C THR E 292 -34.81 14.70 -13.47
N LEU E 293 -34.36 15.80 -12.86
CA LEU E 293 -34.75 17.13 -13.28
C LEU E 293 -34.38 17.41 -14.73
N ALA E 294 -33.39 16.73 -15.28
CA ALA E 294 -32.93 17.03 -16.62
C ALA E 294 -33.58 16.15 -17.69
N TRP E 295 -33.96 14.92 -17.36
CA TRP E 295 -34.57 14.03 -18.34
C TRP E 295 -36.03 13.69 -18.05
N LEU E 296 -36.65 14.31 -17.04
CA LEU E 296 -38.07 14.11 -16.79
C LEU E 296 -38.98 14.96 -17.68
N PRO E 297 -38.73 16.27 -17.82
CA PRO E 297 -39.68 17.08 -18.60
C PRO E 297 -39.79 16.66 -20.05
N PHE E 298 -38.67 16.29 -20.69
CA PHE E 298 -38.76 15.80 -22.07
C PHE E 298 -39.62 14.54 -22.16
N PHE E 299 -39.41 13.61 -21.24
CA PHE E 299 -40.11 12.34 -21.29
C PHE E 299 -41.42 12.37 -20.51
N ILE E 300 -41.93 13.55 -20.21
CA ILE E 300 -43.35 13.75 -19.99
C ILE E 300 -43.99 14.56 -21.12
N VAL E 301 -43.23 15.45 -21.76
CA VAL E 301 -43.72 16.16 -22.93
C VAL E 301 -44.00 15.19 -24.06
N ASN E 302 -43.17 14.15 -24.19
CA ASN E 302 -43.45 13.14 -25.21
C ASN E 302 -44.80 12.48 -24.97
N ILE E 303 -45.02 11.97 -23.76
CA ILE E 303 -46.26 11.27 -23.46
C ILE E 303 -47.46 12.18 -23.66
N VAL E 304 -47.34 13.45 -23.23
CA VAL E 304 -48.47 14.38 -23.37
C VAL E 304 -48.72 14.70 -24.83
N HIS E 305 -47.69 15.11 -25.56
CA HIS E 305 -47.78 15.35 -26.99
C HIS E 305 -48.35 14.16 -27.74
N VAL E 306 -48.22 12.94 -27.20
CA VAL E 306 -48.84 11.79 -27.84
C VAL E 306 -50.31 11.68 -27.47
N ILE E 307 -50.63 11.68 -26.18
CA ILE E 307 -52.00 11.42 -25.76
C ILE E 307 -52.93 12.55 -26.20
N GLN E 308 -52.59 13.79 -25.84
CA GLN E 308 -53.20 14.96 -26.43
C GLN E 308 -52.38 15.36 -27.65
N ASP E 309 -52.64 16.54 -28.21
CA ASP E 309 -51.84 17.01 -29.35
C ASP E 309 -52.13 18.48 -29.56
N ASN E 310 -51.22 19.13 -30.31
CA ASN E 310 -51.34 20.53 -30.71
C ASN E 310 -51.33 21.47 -29.51
N LEU E 311 -51.15 20.92 -28.31
CA LEU E 311 -51.04 21.72 -27.10
C LEU E 311 -49.61 22.09 -26.77
N ILE E 312 -48.64 21.61 -27.55
CA ILE E 312 -47.22 21.84 -27.31
C ILE E 312 -46.59 22.31 -28.61
N ARG E 313 -45.64 23.22 -28.52
CA ARG E 313 -44.99 23.79 -29.70
C ARG E 313 -43.63 23.15 -29.94
N LYS E 314 -43.20 23.19 -31.21
CA LYS E 314 -41.86 22.77 -31.55
C LYS E 314 -40.81 23.63 -30.86
N GLU E 315 -41.11 24.91 -30.62
CA GLU E 315 -40.22 25.77 -29.87
C GLU E 315 -40.12 25.40 -28.40
N VAL E 316 -40.85 24.39 -27.97
CA VAL E 316 -40.68 23.80 -26.65
C VAL E 316 -40.10 22.38 -26.74
N TYR E 317 -40.57 21.62 -27.73
CA TYR E 317 -40.01 20.30 -28.00
C TYR E 317 -38.55 20.37 -28.41
N ILE E 318 -38.07 21.54 -28.80
CA ILE E 318 -36.67 21.72 -29.16
C ILE E 318 -35.85 22.38 -28.05
N LEU E 319 -36.51 23.00 -27.07
CA LEU E 319 -35.81 23.48 -25.89
C LEU E 319 -35.63 22.38 -24.86
N LEU E 320 -36.58 21.44 -24.81
CA LEU E 320 -36.39 20.27 -23.95
C LEU E 320 -35.25 19.39 -24.46
N ASN E 321 -35.09 19.31 -25.77
CA ASN E 321 -34.00 18.55 -26.36
C ASN E 321 -32.67 19.22 -26.23
N TRP E 322 -32.59 20.29 -25.45
CA TRP E 322 -31.31 20.84 -25.04
C TRP E 322 -31.20 21.03 -23.54
N ILE E 323 -32.32 21.11 -22.82
CA ILE E 323 -32.30 20.85 -21.39
C ILE E 323 -32.02 19.39 -21.09
N GLY E 324 -32.03 18.54 -22.13
CA GLY E 324 -31.65 17.15 -21.97
C GLY E 324 -30.24 16.83 -22.44
N TYR E 325 -29.76 17.50 -23.49
CA TYR E 325 -28.44 17.19 -24.06
C TYR E 325 -27.30 17.84 -23.30
N VAL E 326 -27.53 18.25 -22.06
CA VAL E 326 -26.46 18.69 -21.17
C VAL E 326 -26.33 17.81 -19.93
N ASN E 327 -27.35 17.02 -19.61
CA ASN E 327 -27.18 15.95 -18.64
C ASN E 327 -26.18 14.91 -19.13
N SER E 328 -25.84 14.93 -20.42
CA SER E 328 -24.75 14.13 -20.96
C SER E 328 -23.48 14.93 -21.11
N GLY E 329 -23.38 16.07 -20.43
CA GLY E 329 -22.13 16.80 -20.32
C GLY E 329 -21.78 17.00 -18.87
N PHE E 330 -22.79 16.87 -18.01
CA PHE E 330 -22.57 16.93 -16.57
C PHE E 330 -22.01 15.63 -16.01
N ASN E 331 -22.22 14.49 -16.67
CA ASN E 331 -21.83 13.21 -16.10
C ASN E 331 -20.33 13.05 -15.85
N PRO E 332 -19.42 13.52 -16.71
CA PRO E 332 -18.00 13.50 -16.36
C PRO E 332 -17.57 14.54 -15.33
N LEU E 333 -18.51 15.34 -14.81
CA LEU E 333 -18.25 16.23 -13.69
C LEU E 333 -18.96 15.76 -12.44
N ILE E 334 -19.66 14.63 -12.51
CA ILE E 334 -20.39 14.07 -11.38
C ILE E 334 -19.85 12.70 -10.98
N TYR E 335 -19.58 11.84 -11.96
CA TYR E 335 -19.13 10.49 -11.68
C TYR E 335 -17.61 10.36 -11.65
N SER E 336 -16.88 11.41 -12.02
CA SER E 336 -15.43 11.46 -11.90
C SER E 336 -15.01 12.25 -10.66
N ARG E 337 -15.77 12.13 -9.58
CA ARG E 337 -15.53 12.86 -8.34
C ARG E 337 -14.89 11.97 -7.27
N SER E 338 -13.99 11.09 -7.68
CA SER E 338 -13.18 10.35 -6.73
C SER E 338 -11.75 10.90 -6.74
N PRO E 339 -11.05 10.86 -5.61
CA PRO E 339 -9.69 11.43 -5.56
C PRO E 339 -8.76 10.84 -6.60
N ASP E 340 -8.93 9.58 -6.97
CA ASP E 340 -8.08 8.99 -8.01
C ASP E 340 -8.26 9.74 -9.34
N PHE E 341 -9.50 9.99 -9.74
CA PHE E 341 -9.75 10.77 -10.94
C PHE E 341 -9.28 12.20 -10.78
N ARG E 342 -9.54 12.81 -9.61
CA ARG E 342 -9.18 14.21 -9.40
C ARG E 342 -7.67 14.41 -9.41
N ILE E 343 -6.89 13.37 -9.11
CA ILE E 343 -5.44 13.44 -9.19
C ILE E 343 -4.96 13.12 -10.60
N ALA E 344 -5.52 12.07 -11.22
CA ALA E 344 -5.11 11.72 -12.57
C ALA E 344 -5.47 12.79 -13.59
N PHE E 345 -6.42 13.67 -13.27
CA PHE E 345 -6.80 14.74 -14.19
C PHE E 345 -5.70 15.79 -14.37
N GLN E 346 -4.59 15.69 -13.66
CA GLN E 346 -3.52 16.69 -13.73
C GLN E 346 -2.55 16.42 -14.88
N GLU E 347 -2.01 15.20 -14.95
CA GLU E 347 -0.95 14.90 -15.92
C GLU E 347 -1.44 14.96 -17.36
N LEU E 348 -2.76 14.93 -17.59
CA LEU E 348 -3.28 14.87 -18.95
C LEU E 348 -2.89 16.11 -19.76
N LEU E 349 -3.34 17.28 -19.34
CA LEU E 349 -3.08 18.51 -20.10
C LEU E 349 -2.46 19.57 -19.21
#